data_4KAY
#
_entry.id   4KAY
#
_cell.length_a   85.068
_cell.length_b   90.517
_cell.length_c   91.176
_cell.angle_alpha   90.00
_cell.angle_beta   90.00
_cell.angle_gamma   90.00
#
_symmetry.space_group_name_H-M   'P 21 21 21'
#
loop_
_entity.id
_entity.type
_entity.pdbx_description
1 polymer 'YhbX/YhjW/YijP/YjdB family protein'
2 non-polymer 'ZINC ION'
3 non-polymer 'PHOSPHATE ION'
4 water water
#
_entity_poly.entity_id   1
_entity_poly.type   'polypeptide(L)'
_entity_poly.pdbx_seq_one_letter_code
;SNIPYTQLDMAVVQNRPAGSLRRFVVLVVGETTRAANWGLNGYSRQTTPLLAARGDEIVNFPQVRSCGTS(TPO)AHSLP
CMFSTFDRTDYDEIKAEHQDNLLDIVQRAGVEVTWLENDSGCKGVCGKVPNTDVTSLNLPEYCRNGECLDNILLTKFDEV
LNKNDKDAVLILHTIGSHGPTYYERYTEAERKFTPTCDTNEINKCTRATLVNTYDNTVLYVDQFIDKVIRKLENRDDLES
VVHYVSDHGESLGENGMYLHAAPYAIAPSGQTHIPMVMWFSKAFRQHGGIDFQCLKQKAAENEYSHDHYFSTVLGLMDIS
NSQTYRKEMDILAACRRPR
;
_entity_poly.pdbx_strand_id   A,B
#
loop_
_chem_comp.id
_chem_comp.type
_chem_comp.name
_chem_comp.formula
PO4 non-polymer 'PHOSPHATE ION' 'O4 P -3'
ZN non-polymer 'ZINC ION' 'Zn 2'
#
# COMPACT_ATOMS: atom_id res chain seq x y z
N ASN A 2 -4.17 -9.01 -16.10
CA ASN A 2 -4.42 -10.13 -17.00
C ASN A 2 -3.16 -11.01 -17.11
N ILE A 3 -2.19 -10.87 -16.20
CA ILE A 3 -0.93 -11.67 -16.24
C ILE A 3 -0.57 -12.42 -14.93
N PRO A 4 0.15 -13.56 -15.02
CA PRO A 4 0.28 -14.44 -13.86
C PRO A 4 1.24 -13.90 -12.80
N TYR A 5 0.92 -14.13 -11.52
CA TYR A 5 1.83 -13.76 -10.44
C TYR A 5 2.75 -14.92 -10.11
N THR A 6 4.04 -14.62 -9.89
CA THR A 6 5.02 -15.65 -9.56
C THR A 6 5.42 -15.53 -8.09
N GLN A 7 5.09 -16.56 -7.31
CA GLN A 7 5.58 -16.65 -5.93
C GLN A 7 7.03 -17.10 -6.05
N LEU A 8 7.89 -16.58 -5.18
CA LEU A 8 9.32 -16.86 -5.23
C LEU A 8 9.81 -17.39 -3.91
N ASP A 9 10.88 -18.19 -3.95
CA ASP A 9 11.60 -18.55 -2.75
C ASP A 9 10.72 -19.24 -1.73
N MET A 10 9.94 -20.23 -2.14
CA MET A 10 9.00 -20.86 -1.22
CA MET A 10 9.00 -20.86 -1.22
C MET A 10 9.68 -21.76 -0.18
N ALA A 11 10.97 -22.07 -0.36
CA ALA A 11 11.68 -22.92 0.58
C ALA A 11 12.43 -22.15 1.67
N VAL A 12 12.42 -20.83 1.65
CA VAL A 12 13.31 -20.11 2.55
C VAL A 12 12.96 -20.34 4.00
N VAL A 13 14.03 -20.37 4.80
CA VAL A 13 13.95 -20.45 6.24
C VAL A 13 15.11 -19.58 6.73
N GLN A 14 15.14 -19.27 8.02
CA GLN A 14 16.39 -18.70 8.58
C GLN A 14 17.31 -19.81 9.04
N ASN A 15 18.60 -19.54 8.93
CA ASN A 15 19.59 -20.51 9.39
C ASN A 15 20.55 -19.78 10.34
N ARG A 16 20.02 -19.35 11.47
CA ARG A 16 20.84 -18.62 12.46
C ARG A 16 21.68 -19.62 13.21
N PRO A 17 22.91 -19.24 13.55
CA PRO A 17 23.70 -20.19 14.37
C PRO A 17 22.98 -20.61 15.65
N ALA A 18 23.23 -21.83 16.11
CA ALA A 18 22.61 -22.32 17.34
C ALA A 18 22.90 -21.37 18.50
N GLY A 19 21.89 -21.12 19.33
CA GLY A 19 22.06 -20.28 20.50
C GLY A 19 22.18 -18.79 20.22
N SER A 20 21.78 -18.36 19.02
CA SER A 20 21.97 -16.96 18.59
C SER A 20 21.13 -15.96 19.36
N LEU A 21 21.66 -14.75 19.54
CA LEU A 21 20.86 -13.67 20.05
C LEU A 21 19.85 -13.26 18.98
N ARG A 22 18.79 -12.58 19.41
CA ARG A 22 17.87 -11.95 18.48
C ARG A 22 18.59 -10.94 17.55
N ARG A 23 18.20 -10.97 16.29
CA ARG A 23 18.78 -10.12 15.26
C ARG A 23 17.69 -9.10 14.81
N PHE A 24 18.00 -7.81 14.88
CA PHE A 24 17.00 -6.75 14.65
C PHE A 24 17.64 -5.80 13.64
N VAL A 25 17.06 -5.71 12.47
CA VAL A 25 17.61 -4.92 11.40
C VAL A 25 16.66 -3.79 11.04
N VAL A 26 17.19 -2.58 11.00
CA VAL A 26 16.38 -1.42 10.58
C VAL A 26 16.87 -0.96 9.20
N LEU A 27 15.95 -0.90 8.26
CA LEU A 27 16.17 -0.39 6.93
C LEU A 27 15.57 1.00 6.87
N VAL A 28 16.43 2.02 6.97
CA VAL A 28 15.99 3.40 6.76
C VAL A 28 16.03 3.66 5.26
N VAL A 29 14.87 3.92 4.69
CA VAL A 29 14.76 4.26 3.31
C VAL A 29 14.68 5.76 3.18
N GLY A 30 15.79 6.35 2.72
CA GLY A 30 15.92 7.79 2.54
C GLY A 30 15.11 8.29 1.36
N GLU A 31 15.09 9.60 1.20
CA GLU A 31 14.33 10.25 0.16
C GLU A 31 14.98 11.53 -0.32
N THR A 32 15.46 11.50 -1.55
CA THR A 32 15.96 12.70 -2.26
C THR A 32 17.36 13.13 -1.82
N THR A 33 17.83 12.61 -0.73
CA THR A 33 19.15 12.96 -0.23
C THR A 33 20.22 12.45 -1.18
N ARG A 34 21.18 13.32 -1.57
CA ARG A 34 22.19 12.94 -2.56
C ARG A 34 23.62 12.88 -2.00
N ALA A 35 24.43 12.09 -2.67
CA ALA A 35 25.80 11.82 -2.22
C ALA A 35 26.68 13.06 -2.14
N ALA A 36 26.50 13.96 -3.10
CA ALA A 36 27.40 15.11 -3.21
C ALA A 36 27.27 16.13 -2.06
N ASN A 37 26.21 16.02 -1.27
CA ASN A 37 26.01 16.93 -0.12
C ASN A 37 26.03 16.19 1.21
N TRP A 38 26.72 15.05 1.24
CA TRP A 38 26.80 14.18 2.39
C TRP A 38 28.18 14.35 3.02
N GLY A 39 28.21 14.82 4.25
CA GLY A 39 29.45 15.11 4.94
C GLY A 39 30.47 13.97 4.89
N LEU A 40 30.01 12.75 5.12
CA LEU A 40 30.92 11.61 5.17
C LEU A 40 31.60 11.37 3.83
N ASN A 41 31.00 11.85 2.74
CA ASN A 41 31.63 11.75 1.45
C ASN A 41 32.65 12.84 1.13
N GLY A 42 32.90 13.73 2.08
CA GLY A 42 33.89 14.80 1.89
C GLY A 42 33.28 16.08 1.34
N TYR A 43 31.96 16.18 1.40
CA TYR A 43 31.30 17.47 1.09
C TYR A 43 31.95 18.56 1.91
N SER A 44 32.05 19.77 1.34
CA SER A 44 32.80 20.86 1.99
C SER A 44 32.14 21.31 3.30
N ARG A 45 30.85 21.07 3.45
CA ARG A 45 30.15 21.32 4.70
C ARG A 45 29.88 20.04 5.47
N GLN A 46 29.97 20.11 6.78
CA GLN A 46 29.70 18.96 7.65
C GLN A 46 28.19 18.81 7.84
N THR A 47 27.55 18.10 6.91
CA THR A 47 26.11 17.92 6.97
C THR A 47 25.77 16.62 7.70
N THR A 48 26.78 15.90 8.13
CA THR A 48 26.59 14.66 8.87
C THR A 48 27.46 14.60 10.13
N PRO A 49 27.30 15.59 11.02
CA PRO A 49 28.17 15.63 12.21
C PRO A 49 27.96 14.48 13.22
N LEU A 50 26.72 14.04 13.45
CA LEU A 50 26.53 13.01 14.46
C LEU A 50 27.06 11.66 13.96
N LEU A 51 26.85 11.34 12.67
CA LEU A 51 27.43 10.11 12.13
C LEU A 51 28.96 10.19 12.03
N ALA A 52 29.48 11.36 11.65
CA ALA A 52 30.94 11.54 11.54
C ALA A 52 31.62 11.36 12.89
N ALA A 53 31.00 11.87 13.95
CA ALA A 53 31.56 11.81 15.28
C ALA A 53 31.65 10.37 15.77
N ARG A 54 30.87 9.48 15.15
CA ARG A 54 30.89 8.08 15.53
C ARG A 54 32.09 7.31 14.90
N GLY A 55 32.81 7.96 14.01
CA GLY A 55 34.00 7.40 13.38
C GLY A 55 33.71 6.06 12.74
N ASP A 56 34.56 5.06 12.97
CA ASP A 56 34.43 3.80 12.21
C ASP A 56 33.27 2.93 12.64
N GLU A 57 32.52 3.37 13.65
CA GLU A 57 31.25 2.74 14.01
CA GLU A 57 31.25 2.73 14.00
C GLU A 57 30.29 2.78 12.81
N ILE A 58 30.53 3.74 11.92
CA ILE A 58 29.69 3.94 10.73
C ILE A 58 30.50 3.60 9.50
N VAL A 59 29.96 2.66 8.71
CA VAL A 59 30.52 2.32 7.43
C VAL A 59 29.84 3.14 6.36
N ASN A 60 30.63 3.93 5.66
CA ASN A 60 30.10 4.84 4.64
C ASN A 60 30.53 4.37 3.27
N PHE A 61 29.63 4.53 2.30
CA PHE A 61 29.86 4.04 0.95
C PHE A 61 29.84 5.24 -0.01
N PRO A 62 31.02 5.71 -0.42
CA PRO A 62 31.05 6.95 -1.21
C PRO A 62 30.72 6.79 -2.70
N GLN A 63 30.54 5.57 -3.16
CA GLN A 63 30.13 5.38 -4.55
CA GLN A 63 30.16 5.34 -4.57
C GLN A 63 28.96 4.40 -4.70
N VAL A 64 27.78 4.98 -4.65
CA VAL A 64 26.52 4.23 -4.73
C VAL A 64 25.59 4.93 -5.69
N ARG A 65 24.94 4.15 -6.55
CA ARG A 65 24.00 4.68 -7.52
CA ARG A 65 24.00 4.68 -7.52
C ARG A 65 22.61 4.11 -7.32
N SER A 66 21.60 4.93 -7.64
CA SER A 66 20.21 4.51 -7.52
C SER A 66 19.72 3.68 -8.74
N CYS A 67 18.61 2.99 -8.54
CA CYS A 67 17.93 2.30 -9.65
C CYS A 67 17.15 3.27 -10.54
N GLY A 68 16.57 4.31 -9.94
CA GLY A 68 15.74 5.24 -10.69
C GLY A 68 16.02 6.63 -10.18
N THR A 69 15.36 7.63 -10.76
CA THR A 69 15.49 9.03 -10.30
C THR A 69 14.18 9.51 -9.70
N SER A 70 13.25 8.58 -9.51
CA SER A 70 12.05 8.87 -8.81
C SER A 70 11.68 7.74 -7.88
N TPO A 71 10.86 8.06 -6.90
CA TPO A 71 10.48 7.15 -5.85
CB TPO A 71 9.61 7.87 -4.83
CG2 TPO A 71 9.55 7.10 -3.51
OG1 TPO A 71 10.24 9.13 -4.61
P TPO A 71 9.24 10.36 -5.09
O1P TPO A 71 7.79 10.11 -4.87
O2P TPO A 71 9.74 11.52 -4.12
O3P TPO A 71 9.50 10.78 -6.63
C TPO A 71 9.74 5.95 -6.41
O TPO A 71 9.99 4.85 -6.01
H TPO A 71 10.49 8.85 -6.83
HA TPO A 71 11.28 6.83 -5.39
HB TPO A 71 8.60 8.01 -5.24
HG21 TPO A 71 8.92 7.64 -2.80
HG22 TPO A 71 10.55 7.00 -3.11
HG23 TPO A 71 9.13 6.11 -3.69
N ALA A 72 8.79 6.20 -7.31
CA ALA A 72 7.93 5.13 -7.77
C ALA A 72 8.73 4.14 -8.59
N HIS A 73 9.89 4.55 -9.11
CA HIS A 73 10.79 3.64 -9.81
C HIS A 73 11.76 2.97 -8.82
N SER A 74 12.50 3.77 -8.07
CA SER A 74 13.52 3.20 -7.18
C SER A 74 13.01 2.24 -6.11
N LEU A 75 11.89 2.53 -5.47
CA LEU A 75 11.48 1.71 -4.35
C LEU A 75 11.11 0.31 -4.84
N PRO A 76 10.24 0.23 -5.85
CA PRO A 76 9.94 -1.16 -6.24
C PRO A 76 11.16 -1.88 -6.82
N CYS A 77 12.01 -1.16 -7.53
CA CYS A 77 13.19 -1.77 -8.09
C CYS A 77 14.18 -2.29 -7.02
N MET A 78 14.45 -1.48 -5.99
CA MET A 78 15.43 -1.87 -4.96
C MET A 78 14.91 -3.03 -4.10
N PHE A 79 13.60 -3.15 -3.97
CA PHE A 79 12.99 -4.26 -3.22
C PHE A 79 12.67 -5.44 -4.14
N SER A 80 13.07 -5.36 -5.39
CA SER A 80 12.81 -6.48 -6.32
C SER A 80 14.10 -7.25 -6.64
N THR A 81 13.90 -8.49 -7.13
CA THR A 81 15.02 -9.31 -7.60
C THR A 81 15.76 -8.71 -8.80
N PHE A 82 15.09 -7.81 -9.53
CA PHE A 82 15.67 -7.22 -10.71
C PHE A 82 16.77 -6.20 -10.42
N ASP A 83 17.82 -6.24 -11.23
CA ASP A 83 18.83 -5.17 -11.27
C ASP A 83 18.31 -4.04 -12.14
N ARG A 84 18.85 -2.86 -11.96
CA ARG A 84 18.39 -1.72 -12.74
CA ARG A 84 18.39 -1.71 -12.73
C ARG A 84 18.26 -2.01 -14.23
N THR A 85 19.26 -2.65 -14.83
CA THR A 85 19.26 -2.84 -16.28
C THR A 85 18.18 -3.80 -16.77
N ASP A 86 17.66 -4.66 -15.89
CA ASP A 86 16.63 -5.59 -16.31
CA ASP A 86 16.64 -5.59 -16.29
C ASP A 86 15.29 -5.31 -15.63
N TYR A 87 15.20 -4.28 -14.80
CA TYR A 87 13.96 -3.95 -14.11
C TYR A 87 12.82 -3.62 -15.05
N ASP A 88 11.66 -4.17 -14.74
CA ASP A 88 10.44 -3.94 -15.49
C ASP A 88 9.35 -3.85 -14.46
N GLU A 89 8.67 -2.70 -14.43
CA GLU A 89 7.65 -2.44 -13.44
C GLU A 89 6.54 -3.51 -13.39
N ILE A 90 6.11 -3.95 -14.55
CA ILE A 90 5.00 -4.89 -14.60
C ILE A 90 5.48 -6.24 -14.08
N LYS A 91 6.65 -6.68 -14.54
CA LYS A 91 7.19 -7.96 -14.06
C LYS A 91 7.39 -7.91 -12.54
N ALA A 92 7.93 -6.81 -12.04
CA ALA A 92 8.19 -6.70 -10.59
C ALA A 92 6.92 -6.70 -9.76
N GLU A 93 5.85 -6.10 -10.30
CA GLU A 93 4.59 -6.01 -9.57
CA GLU A 93 4.59 -5.99 -9.60
C GLU A 93 3.93 -7.37 -9.49
N HIS A 94 4.30 -8.26 -10.40
CA HIS A 94 3.67 -9.58 -10.47
C HIS A 94 4.51 -10.74 -9.94
N GLN A 95 5.38 -10.44 -8.98
CA GLN A 95 6.14 -11.45 -8.29
C GLN A 95 6.43 -11.00 -6.86
N ASP A 96 6.75 -11.95 -6.00
CA ASP A 96 7.12 -11.69 -4.61
C ASP A 96 8.32 -10.74 -4.56
N ASN A 97 8.26 -9.79 -3.64
CA ASN A 97 9.38 -8.90 -3.41
C ASN A 97 10.20 -9.31 -2.18
N LEU A 98 11.25 -8.55 -1.94
CA LEU A 98 12.16 -8.84 -0.84
C LEU A 98 11.45 -9.03 0.50
N LEU A 99 10.46 -8.19 0.79
CA LEU A 99 9.84 -8.28 2.07
C LEU A 99 8.88 -9.47 2.13
N ASP A 100 8.23 -9.81 1.03
CA ASP A 100 7.36 -11.01 1.01
C ASP A 100 8.23 -12.24 1.34
N ILE A 101 9.42 -12.27 0.77
CA ILE A 101 10.33 -13.42 0.99
C ILE A 101 10.87 -13.47 2.43
N VAL A 102 11.34 -12.33 2.90
CA VAL A 102 11.79 -12.22 4.28
C VAL A 102 10.69 -12.63 5.28
N GLN A 103 9.46 -12.19 5.06
CA GLN A 103 8.39 -12.53 5.96
C GLN A 103 8.13 -14.05 5.89
N ARG A 104 8.20 -14.62 4.72
CA ARG A 104 7.96 -16.07 4.54
C ARG A 104 9.01 -16.89 5.31
N ALA A 105 10.21 -16.34 5.41
CA ALA A 105 11.32 -17.00 6.12
C ALA A 105 11.12 -16.98 7.62
N GLY A 106 10.09 -16.30 8.10
CA GLY A 106 9.79 -16.31 9.53
C GLY A 106 10.20 -15.04 10.27
N VAL A 107 10.72 -14.08 9.53
CA VAL A 107 11.16 -12.80 10.12
C VAL A 107 9.96 -11.89 10.32
N GLU A 108 9.92 -11.15 11.43
CA GLU A 108 8.86 -10.17 11.70
CA GLU A 108 8.85 -10.16 11.69
C GLU A 108 9.16 -8.88 10.93
N VAL A 109 8.42 -8.61 9.88
CA VAL A 109 8.62 -7.43 9.05
C VAL A 109 7.60 -6.40 9.42
N THR A 110 8.05 -5.18 9.64
CA THR A 110 7.14 -4.06 9.87
C THR A 110 7.58 -2.88 9.02
N TRP A 111 6.63 -2.24 8.36
CA TRP A 111 6.88 -1.05 7.55
C TRP A 111 6.19 0.17 8.12
N LEU A 112 6.98 1.17 8.48
CA LEU A 112 6.46 2.44 8.96
C LEU A 112 6.68 3.50 7.89
N GLU A 113 5.58 4.12 7.47
CA GLU A 113 5.59 5.00 6.31
C GLU A 113 5.37 6.46 6.69
N ASN A 114 6.29 7.33 6.23
CA ASN A 114 6.16 8.78 6.41
C ASN A 114 6.49 9.56 5.12
N ASP A 115 6.33 8.93 3.96
CA ASP A 115 6.76 9.55 2.68
C ASP A 115 5.68 9.47 1.55
N SER A 116 4.43 9.51 1.97
CA SER A 116 3.27 9.58 1.04
C SER A 116 2.87 8.24 0.40
N GLY A 117 3.68 7.20 0.57
CA GLY A 117 3.26 5.86 0.20
C GLY A 117 4.37 4.87 -0.08
N CYS A 118 4.09 3.59 0.12
CA CYS A 118 5.18 2.59 0.03
C CYS A 118 5.28 1.97 -1.37
N LYS A 119 4.52 2.53 -2.32
CA LYS A 119 4.65 2.22 -3.75
C LYS A 119 4.44 0.73 -4.02
N GLY A 120 3.50 0.16 -3.29
CA GLY A 120 3.10 -1.26 -3.47
C GLY A 120 4.05 -2.29 -2.87
N VAL A 121 5.09 -1.83 -2.16
CA VAL A 121 6.09 -2.75 -1.64
C VAL A 121 5.63 -3.37 -0.32
N CYS A 122 4.84 -2.61 0.45
CA CYS A 122 4.58 -2.97 1.85
C CYS A 122 3.22 -3.60 2.16
N GLY A 123 2.39 -3.80 1.15
CA GLY A 123 0.98 -4.12 1.40
C GLY A 123 0.78 -5.45 2.13
N LYS A 124 1.66 -6.43 1.87
CA LYS A 124 1.47 -7.76 2.45
C LYS A 124 2.17 -8.03 3.77
N VAL A 125 2.84 -7.02 4.30
CA VAL A 125 3.39 -7.09 5.64
C VAL A 125 2.75 -6.01 6.53
N PRO A 126 2.88 -6.15 7.86
CA PRO A 126 2.33 -5.14 8.76
C PRO A 126 2.87 -3.77 8.40
N ASN A 127 1.98 -2.82 8.15
CA ASN A 127 2.40 -1.51 7.70
C ASN A 127 1.51 -0.45 8.27
N THR A 128 2.10 0.67 8.60
CA THR A 128 1.36 1.81 9.17
C THR A 128 1.92 3.10 8.59
N ASP A 129 1.05 3.99 8.13
CA ASP A 129 1.46 5.31 7.70
C ASP A 129 1.24 6.27 8.88
N VAL A 130 2.31 6.89 9.35
CA VAL A 130 2.24 7.69 10.57
C VAL A 130 1.89 9.16 10.27
N THR A 131 1.95 9.55 9.01
CA THR A 131 1.82 10.96 8.65
C THR A 131 0.44 11.47 9.09
N SER A 132 -0.59 10.63 9.04
CA SER A 132 -1.94 11.07 9.37
CA SER A 132 -1.94 11.07 9.38
C SER A 132 -2.11 11.41 10.85
N LEU A 133 -1.15 10.99 11.69
CA LEU A 133 -1.23 11.34 13.10
C LEU A 133 -1.32 12.86 13.29
N ASN A 134 -0.74 13.60 12.35
CA ASN A 134 -0.77 15.06 12.37
C ASN A 134 -0.47 15.63 13.75
N LEU A 135 0.64 15.20 14.34
CA LEU A 135 1.07 15.76 15.62
C LEU A 135 1.65 17.14 15.43
N PRO A 136 1.21 18.11 16.24
CA PRO A 136 1.68 19.50 16.07
C PRO A 136 3.19 19.68 16.27
N GLU A 137 3.82 18.77 17.00
CA GLU A 137 5.26 18.77 17.16
C GLU A 137 6.00 18.53 15.84
N TYR A 138 5.43 17.69 14.98
CA TYR A 138 6.13 17.19 13.82
C TYR A 138 5.54 17.58 12.48
N CYS A 139 4.24 17.86 12.42
CA CYS A 139 3.51 17.89 11.15
C CYS A 139 2.90 19.23 10.79
N ARG A 140 2.92 19.50 9.50
CA ARG A 140 2.31 20.70 8.94
C ARG A 140 1.96 20.43 7.48
N ASN A 141 0.75 20.83 7.09
CA ASN A 141 0.29 20.72 5.71
C ASN A 141 0.37 19.29 5.17
N GLY A 142 0.15 18.34 6.06
CA GLY A 142 0.03 16.95 5.66
C GLY A 142 1.35 16.26 5.44
N GLU A 143 2.44 16.85 5.92
CA GLU A 143 3.74 16.16 5.94
C GLU A 143 4.35 16.29 7.32
N CYS A 144 5.22 15.36 7.70
CA CYS A 144 5.74 15.33 9.05
C CYS A 144 7.23 15.18 9.04
N LEU A 145 7.87 15.86 9.98
CA LEU A 145 9.30 15.64 10.32
C LEU A 145 9.51 14.16 10.64
N ASP A 146 10.59 13.59 10.10
CA ASP A 146 10.80 12.15 10.23
C ASP A 146 10.89 11.60 11.68
N ASN A 147 11.27 12.44 12.64
CA ASN A 147 11.36 11.95 14.01
C ASN A 147 10.01 11.41 14.51
N ILE A 148 8.92 11.74 13.82
CA ILE A 148 7.63 11.17 14.20
C ILE A 148 7.72 9.64 14.14
N LEU A 149 8.52 9.13 13.22
CA LEU A 149 8.67 7.65 13.10
C LEU A 149 9.21 7.01 14.39
N LEU A 150 10.03 7.73 15.12
CA LEU A 150 10.62 7.23 16.36
C LEU A 150 9.59 7.00 17.46
N THR A 151 8.46 7.72 17.39
CA THR A 151 7.39 7.50 18.36
C THR A 151 6.71 6.12 18.24
N LYS A 152 6.95 5.41 17.14
CA LYS A 152 6.35 4.11 16.96
C LYS A 152 7.38 2.98 16.96
N PHE A 153 8.64 3.34 17.17
CA PHE A 153 9.76 2.39 17.09
C PHE A 153 9.77 1.36 18.22
N ASP A 154 9.65 1.83 19.47
CA ASP A 154 9.76 0.94 20.61
C ASP A 154 8.71 -0.16 20.55
N GLU A 155 7.52 0.15 20.06
CA GLU A 155 6.46 -0.84 19.97
C GLU A 155 6.90 -2.01 19.07
N VAL A 156 7.63 -1.70 18.00
CA VAL A 156 8.07 -2.74 17.08
C VAL A 156 9.19 -3.53 17.72
N LEU A 157 10.12 -2.82 18.35
CA LEU A 157 11.26 -3.47 19.01
C LEU A 157 10.77 -4.45 20.05
N ASN A 158 9.73 -4.07 20.78
CA ASN A 158 9.30 -4.87 21.93
C ASN A 158 8.15 -5.82 21.62
N LYS A 159 7.80 -5.93 20.36
CA LYS A 159 6.59 -6.70 19.98
C LYS A 159 6.68 -8.15 20.42
N ASN A 160 7.83 -8.74 20.15
CA ASN A 160 8.12 -10.12 20.51
C ASN A 160 9.62 -10.34 20.35
N ASP A 161 10.06 -11.59 20.48
CA ASP A 161 11.49 -11.91 20.49
C ASP A 161 12.04 -12.40 19.16
N LYS A 162 11.18 -12.44 18.14
CA LYS A 162 11.57 -12.89 16.81
C LYS A 162 12.57 -11.93 16.19
N ASP A 163 13.43 -12.45 15.32
CA ASP A 163 14.27 -11.61 14.47
C ASP A 163 13.32 -10.74 13.64
N ALA A 164 13.78 -9.56 13.25
CA ALA A 164 12.88 -8.54 12.68
C ALA A 164 13.61 -7.69 11.66
N VAL A 165 12.83 -7.18 10.69
CA VAL A 165 13.23 -6.16 9.75
C VAL A 165 12.19 -5.06 9.89
N LEU A 166 12.63 -3.90 10.32
CA LEU A 166 11.77 -2.72 10.45
C LEU A 166 12.17 -1.68 9.38
N ILE A 167 11.23 -1.33 8.49
CA ILE A 167 11.52 -0.34 7.48
C ILE A 167 10.99 0.98 7.97
N LEU A 168 11.83 2.00 7.93
CA LEU A 168 11.44 3.35 8.27
C LEU A 168 11.57 4.12 7.01
N HIS A 169 10.44 4.41 6.38
CA HIS A 169 10.48 5.08 5.09
C HIS A 169 10.29 6.57 5.31
N THR A 170 11.37 7.31 5.16
CA THR A 170 11.39 8.72 5.47
C THR A 170 11.06 9.66 4.31
N ILE A 171 10.73 10.92 4.66
CA ILE A 171 10.55 11.99 3.67
C ILE A 171 11.84 12.75 3.40
N GLY A 172 12.80 12.64 4.32
CA GLY A 172 14.20 12.99 4.03
C GLY A 172 14.40 14.39 3.47
N SER A 173 14.90 14.48 2.25
CA SER A 173 15.22 15.80 1.68
C SER A 173 14.19 16.27 0.65
N HIS A 174 12.98 15.70 0.67
CA HIS A 174 12.03 15.95 -0.41
C HIS A 174 11.66 17.42 -0.48
N GLY A 175 11.64 17.94 -1.70
CA GLY A 175 11.21 19.31 -1.98
C GLY A 175 9.89 19.33 -2.75
N PRO A 176 9.43 20.54 -3.15
CA PRO A 176 10.14 21.82 -2.96
C PRO A 176 10.05 22.43 -1.56
N THR A 177 9.25 21.89 -0.65
CA THR A 177 9.24 22.39 0.72
C THR A 177 10.41 21.85 1.55
N TYR A 178 11.62 22.11 1.09
CA TYR A 178 12.80 21.61 1.79
C TYR A 178 12.86 22.16 3.20
N TYR A 179 12.38 23.40 3.36
CA TYR A 179 12.36 24.03 4.67
C TYR A 179 11.56 23.32 5.75
N GLU A 180 10.60 22.46 5.35
CA GLU A 180 9.82 21.70 6.30
C GLU A 180 10.51 20.44 6.79
N ARG A 181 11.69 20.14 6.26
CA ARG A 181 12.34 18.86 6.51
C ARG A 181 13.21 18.85 7.77
N TYR A 182 13.39 20.02 8.38
CA TYR A 182 14.27 20.13 9.54
C TYR A 182 13.75 21.12 10.53
N THR A 183 14.42 21.20 11.68
CA THR A 183 14.01 22.16 12.73
C THR A 183 15.10 23.19 12.94
N GLU A 184 14.82 24.13 13.83
CA GLU A 184 15.77 25.21 14.15
C GLU A 184 17.13 24.64 14.53
N ALA A 185 17.14 23.49 15.21
CA ALA A 185 18.40 22.86 15.67
C ALA A 185 19.31 22.43 14.51
N GLU A 186 18.71 22.25 13.33
CA GLU A 186 19.45 21.85 12.12
C GLU A 186 19.58 22.99 11.10
N ARG A 187 19.12 24.19 11.46
CA ARG A 187 19.18 25.31 10.55
C ARG A 187 20.52 25.98 10.70
N LYS A 188 21.53 25.32 10.14
CA LYS A 188 22.89 25.73 10.32
C LYS A 188 23.43 26.49 9.13
N PHE A 189 22.83 26.30 7.97
CA PHE A 189 23.27 26.91 6.76
C PHE A 189 22.24 27.92 6.32
N THR A 190 22.68 29.18 6.28
CA THR A 190 21.74 30.28 6.08
C THR A 190 22.36 31.30 5.13
N PRO A 191 21.52 32.12 4.47
CA PRO A 191 20.05 32.19 4.54
C PRO A 191 19.37 31.00 3.87
N THR A 192 18.07 30.92 4.04
CA THR A 192 17.29 29.76 3.60
C THR A 192 16.14 30.20 2.71
N CYS A 193 15.56 29.22 2.01
CA CYS A 193 14.42 29.41 1.15
C CYS A 193 13.19 28.78 1.85
N ASP A 194 12.38 29.62 2.49
CA ASP A 194 11.32 29.15 3.36
C ASP A 194 9.95 29.16 2.70
N THR A 195 9.96 28.67 1.47
CA THR A 195 8.76 28.61 0.67
C THR A 195 8.88 27.42 -0.27
N ASN A 196 7.73 26.95 -0.74
CA ASN A 196 7.67 25.97 -1.81
C ASN A 196 8.02 26.58 -3.15
N GLU A 197 7.99 27.91 -3.28
CA GLU A 197 8.22 28.51 -4.57
C GLU A 197 9.70 28.75 -4.75
N ILE A 198 10.43 27.66 -4.95
CA ILE A 198 11.86 27.70 -4.93
C ILE A 198 12.43 28.50 -6.07
N ASN A 199 11.65 28.77 -7.08
CA ASN A 199 12.13 29.65 -8.10
C ASN A 199 12.25 31.12 -7.64
N LYS A 200 11.67 31.45 -6.50
CA LYS A 200 11.74 32.79 -5.93
C LYS A 200 12.93 32.93 -4.98
N CYS A 201 13.79 31.91 -4.96
CA CYS A 201 14.98 31.91 -4.13
C CYS A 201 16.24 31.76 -4.97
N THR A 202 17.37 32.25 -4.47
CA THR A 202 18.66 32.14 -5.18
C THR A 202 19.16 30.67 -5.12
N ARG A 203 20.08 30.28 -6.03
CA ARG A 203 20.44 28.85 -5.91
CA ARG A 203 20.59 28.91 -5.85
CA ARG A 203 20.46 28.79 -5.76
C ARG A 203 21.34 28.58 -4.71
N ALA A 204 21.97 29.61 -4.17
CA ALA A 204 22.80 29.45 -2.98
C ALA A 204 21.93 29.18 -1.76
N THR A 205 20.81 29.89 -1.67
CA THR A 205 19.90 29.72 -0.53
CA THR A 205 19.92 29.73 -0.55
C THR A 205 19.18 28.39 -0.65
N LEU A 206 18.93 27.94 -1.87
CA LEU A 206 18.36 26.62 -2.08
C LEU A 206 19.30 25.51 -1.56
N VAL A 207 20.56 25.56 -1.95
CA VAL A 207 21.57 24.61 -1.44
C VAL A 207 21.65 24.66 0.09
N ASN A 208 21.66 25.87 0.67
CA ASN A 208 21.68 25.98 2.12
C ASN A 208 20.50 25.22 2.75
N THR A 209 19.32 25.36 2.17
CA THR A 209 18.12 24.82 2.75
C THR A 209 18.19 23.30 2.62
N TYR A 210 18.63 22.83 1.47
CA TYR A 210 18.81 21.39 1.22
C TYR A 210 19.84 20.81 2.19
N ASP A 211 20.91 21.54 2.44
CA ASP A 211 21.93 21.02 3.37
C ASP A 211 21.41 20.90 4.79
N ASN A 212 20.57 21.83 5.20
CA ASN A 212 19.89 21.69 6.48
C ASN A 212 19.01 20.42 6.50
N THR A 213 18.39 20.06 5.39
CA THR A 213 17.63 18.80 5.40
C THR A 213 18.57 17.61 5.66
N VAL A 214 19.78 17.67 5.15
CA VAL A 214 20.74 16.58 5.36
C VAL A 214 21.13 16.48 6.83
N LEU A 215 21.31 17.61 7.51
CA LEU A 215 21.54 17.57 8.94
C LEU A 215 20.40 16.82 9.66
N TYR A 216 19.17 16.95 9.18
CA TYR A 216 18.09 16.29 9.87
C TYR A 216 18.16 14.77 9.58
N VAL A 217 18.57 14.40 8.37
CA VAL A 217 18.76 12.97 8.05
C VAL A 217 19.80 12.35 9.00
N ASP A 218 20.90 13.09 9.19
CA ASP A 218 21.97 12.68 10.09
C ASP A 218 21.49 12.46 11.51
N GLN A 219 20.71 13.42 12.04
CA GLN A 219 20.24 13.25 13.41
C GLN A 219 19.20 12.15 13.52
N PHE A 220 18.49 11.88 12.43
CA PHE A 220 17.47 10.83 12.45
C PHE A 220 18.12 9.47 12.55
N ILE A 221 19.10 9.25 11.68
CA ILE A 221 19.83 7.99 11.68
C ILE A 221 20.47 7.80 13.04
N ASP A 222 21.05 8.88 13.57
CA ASP A 222 21.68 8.82 14.89
C ASP A 222 20.69 8.40 15.98
N LYS A 223 19.49 8.96 15.94
CA LYS A 223 18.50 8.61 16.95
C LYS A 223 18.03 7.15 16.83
N VAL A 224 17.99 6.63 15.60
CA VAL A 224 17.68 5.23 15.43
C VAL A 224 18.77 4.37 16.06
N ILE A 225 20.03 4.71 15.80
CA ILE A 225 21.15 4.01 16.42
C ILE A 225 21.05 4.09 17.96
N ARG A 226 20.67 5.25 18.50
CA ARG A 226 20.57 5.43 19.94
C ARG A 226 19.53 4.47 20.59
N LYS A 227 18.53 4.07 19.82
CA LYS A 227 17.50 3.14 20.31
C LYS A 227 18.07 1.74 20.50
N LEU A 228 19.18 1.47 19.85
CA LEU A 228 19.67 0.08 19.76
C LEU A 228 21.05 -0.13 20.34
N GLU A 229 21.89 0.91 20.39
CA GLU A 229 23.32 0.70 20.63
C GLU A 229 23.68 0.18 22.04
N ASN A 230 22.74 0.35 22.97
CA ASN A 230 22.94 -0.07 24.35
C ASN A 230 22.24 -1.38 24.66
N ARG A 231 21.66 -2.01 23.64
CA ARG A 231 20.98 -3.29 23.85
C ARG A 231 21.97 -4.41 23.60
N ASP A 232 22.69 -4.78 24.66
CA ASP A 232 23.78 -5.75 24.51
C ASP A 232 23.27 -7.14 24.19
N ASP A 233 21.99 -7.39 24.46
CA ASP A 233 21.35 -8.67 24.20
C ASP A 233 20.80 -8.77 22.76
N LEU A 234 21.02 -7.74 21.95
CA LEU A 234 20.49 -7.72 20.59
CA LEU A 234 20.48 -7.72 20.61
C LEU A 234 21.58 -7.54 19.56
N GLU A 235 21.55 -8.35 18.50
CA GLU A 235 22.37 -8.09 17.32
C GLU A 235 21.60 -7.16 16.39
N SER A 236 21.97 -5.88 16.34
CA SER A 236 21.22 -4.90 15.57
CA SER A 236 21.22 -4.92 15.56
C SER A 236 22.08 -4.33 14.44
N VAL A 237 21.41 -4.00 13.34
CA VAL A 237 22.04 -3.38 12.18
C VAL A 237 21.12 -2.27 11.76
N VAL A 238 21.71 -1.11 11.43
CA VAL A 238 20.94 -0.03 10.80
C VAL A 238 21.55 0.22 9.44
N HIS A 239 20.74 0.11 8.41
CA HIS A 239 21.15 0.34 7.03
C HIS A 239 20.36 1.54 6.50
N TYR A 240 21.04 2.52 5.92
CA TYR A 240 20.43 3.70 5.34
C TYR A 240 20.90 3.81 3.91
N VAL A 241 19.93 4.02 3.03
CA VAL A 241 20.22 4.40 1.64
C VAL A 241 19.12 5.28 1.14
N SER A 242 19.47 6.29 0.36
CA SER A 242 18.45 7.14 -0.26
C SER A 242 17.83 6.45 -1.49
N ASP A 243 16.65 6.92 -1.90
CA ASP A 243 16.04 6.39 -3.14
C ASP A 243 16.56 6.98 -4.45
N HIS A 244 17.10 8.19 -4.37
CA HIS A 244 17.63 8.93 -5.51
C HIS A 244 18.05 10.26 -4.94
N GLY A 245 18.74 11.04 -5.76
CA GLY A 245 19.18 12.36 -5.41
C GLY A 245 18.26 13.48 -5.88
N GLU A 246 18.88 14.63 -6.12
CA GLU A 246 18.14 15.84 -6.41
C GLU A 246 19.04 16.74 -7.22
N SER A 247 18.42 17.59 -8.04
CA SER A 247 19.15 18.67 -8.69
C SER A 247 18.83 19.98 -7.95
N LEU A 248 19.83 20.82 -7.80
CA LEU A 248 19.66 22.08 -7.05
C LEU A 248 19.99 23.29 -7.91
N GLY A 249 19.57 23.25 -9.17
CA GLY A 249 19.73 24.37 -10.09
C GLY A 249 20.94 24.28 -11.00
N GLU A 250 21.70 23.20 -10.89
CA GLU A 250 22.84 23.02 -11.76
C GLU A 250 22.34 22.96 -13.21
N ASN A 251 22.90 23.82 -14.07
CA ASN A 251 22.49 23.88 -15.46
CA ASN A 251 22.49 23.88 -15.46
C ASN A 251 20.98 24.03 -15.58
N GLY A 252 20.36 24.70 -14.60
CA GLY A 252 18.95 24.99 -14.64
C GLY A 252 18.02 23.86 -14.28
N MET A 253 18.61 22.78 -13.77
CA MET A 253 17.86 21.59 -13.41
C MET A 253 17.42 21.61 -11.94
N TYR A 254 16.16 21.34 -11.71
CA TYR A 254 15.61 21.28 -10.39
C TYR A 254 14.90 19.93 -10.09
N LEU A 255 14.69 19.67 -8.83
CA LEU A 255 13.92 18.50 -8.40
C LEU A 255 14.59 17.23 -8.94
N HIS A 256 13.81 16.18 -9.17
CA HIS A 256 14.37 14.94 -9.64
C HIS A 256 13.58 14.36 -10.85
N ALA A 257 13.53 13.04 -10.95
CA ALA A 257 12.80 12.37 -12.05
C ALA A 257 13.34 12.68 -13.46
N ALA A 258 14.57 13.12 -13.59
CA ALA A 258 15.20 13.27 -14.91
C ALA A 258 15.34 11.85 -15.52
N PRO A 259 15.20 11.71 -16.84
CA PRO A 259 15.36 10.36 -17.38
C PRO A 259 16.73 9.76 -17.04
N TYR A 260 16.73 8.52 -16.57
CA TYR A 260 17.92 7.96 -15.94
C TYR A 260 19.18 8.12 -16.77
N ALA A 261 19.12 7.76 -18.05
CA ALA A 261 20.30 7.80 -18.93
C ALA A 261 21.01 9.16 -19.07
N ILE A 262 20.27 10.25 -18.96
CA ILE A 262 20.84 11.59 -19.11
C ILE A 262 20.73 12.37 -17.79
N ALA A 263 20.34 11.70 -16.72
CA ALA A 263 20.24 12.36 -15.41
C ALA A 263 21.58 12.85 -14.90
N PRO A 264 21.58 14.01 -14.25
CA PRO A 264 22.86 14.42 -13.69
C PRO A 264 23.23 13.56 -12.50
N SER A 265 24.52 13.52 -12.20
CA SER A 265 25.04 12.75 -11.06
C SER A 265 24.36 13.12 -9.75
N GLY A 266 23.94 14.38 -9.58
CA GLY A 266 23.21 14.72 -8.38
C GLY A 266 21.96 13.85 -8.16
N GLN A 267 21.32 13.35 -9.22
CA GLN A 267 20.10 12.59 -9.07
C GLN A 267 20.33 11.07 -8.95
N THR A 268 21.46 10.58 -9.42
CA THR A 268 21.74 9.13 -9.37
C THR A 268 22.74 8.67 -8.31
N HIS A 269 23.58 9.58 -7.84
CA HIS A 269 24.61 9.24 -6.85
CA HIS A 269 24.61 9.25 -6.83
C HIS A 269 24.07 9.58 -5.47
N ILE A 270 23.92 8.54 -4.64
CA ILE A 270 23.16 8.57 -3.40
C ILE A 270 24.04 8.10 -2.25
N PRO A 271 23.72 8.54 -1.04
CA PRO A 271 24.47 8.14 0.15
C PRO A 271 23.99 6.80 0.66
N MET A 272 24.89 6.08 1.30
CA MET A 272 24.55 4.81 1.93
C MET A 272 25.48 4.62 3.11
N VAL A 273 24.92 4.29 4.27
CA VAL A 273 25.74 3.94 5.42
C VAL A 273 25.16 2.72 6.15
N MET A 274 26.02 2.09 6.95
CA MET A 274 25.62 1.01 7.82
C MET A 274 26.21 1.15 9.20
N TRP A 275 25.43 0.77 10.22
CA TRP A 275 25.91 0.70 11.59
C TRP A 275 25.60 -0.67 12.16
N PHE A 276 26.48 -1.17 12.99
CA PHE A 276 26.39 -2.52 13.56
C PHE A 276 26.59 -2.46 15.05
N SER A 277 25.71 -3.11 15.80
CA SER A 277 25.76 -3.11 17.27
C SER A 277 26.87 -3.96 17.82
N LYS A 278 27.19 -3.73 19.10
CA LYS A 278 28.26 -4.51 19.74
C LYS A 278 28.09 -6.03 19.55
N ALA A 279 26.90 -6.54 19.81
CA ALA A 279 26.66 -7.98 19.73
C ALA A 279 26.76 -8.46 18.29
N PHE A 280 26.29 -7.63 17.35
CA PHE A 280 26.43 -8.02 15.95
C PHE A 280 27.95 -8.17 15.59
N ARG A 281 28.74 -7.21 16.07
CA ARG A 281 30.14 -7.14 15.68
CA ARG A 281 30.13 -7.16 15.65
C ARG A 281 30.78 -8.42 16.22
N GLN A 282 30.45 -8.80 17.44
CA GLN A 282 31.10 -9.95 18.07
C GLN A 282 30.68 -11.27 17.40
N HIS A 283 29.39 -11.41 17.07
CA HIS A 283 28.83 -12.70 16.70
C HIS A 283 28.47 -12.85 15.22
N GLY A 284 28.40 -11.73 14.50
CA GLY A 284 27.84 -11.70 13.16
C GLY A 284 28.71 -12.22 12.04
N GLY A 285 29.98 -12.53 12.33
CA GLY A 285 30.82 -13.11 11.30
C GLY A 285 31.45 -12.16 10.28
N ILE A 286 31.37 -10.87 10.51
CA ILE A 286 31.87 -9.94 9.52
C ILE A 286 33.26 -9.45 9.85
N ASP A 287 34.10 -9.40 8.82
CA ASP A 287 35.45 -8.85 8.89
C ASP A 287 35.35 -7.34 8.60
N PHE A 288 35.40 -6.52 9.64
CA PHE A 288 35.11 -5.09 9.45
C PHE A 288 36.19 -4.28 8.75
N GLN A 289 37.45 -4.72 8.84
CA GLN A 289 38.52 -4.05 8.07
C GLN A 289 38.27 -4.32 6.60
N CYS A 290 37.97 -5.56 6.26
CA CYS A 290 37.59 -5.96 4.90
C CYS A 290 36.44 -5.06 4.40
N LEU A 291 35.44 -4.91 5.25
CA LEU A 291 34.26 -4.15 4.84
C LEU A 291 34.61 -2.69 4.62
N LYS A 292 35.43 -2.13 5.49
CA LYS A 292 35.77 -0.71 5.39
C LYS A 292 36.50 -0.48 4.06
N GLN A 293 37.35 -1.42 3.69
CA GLN A 293 38.09 -1.28 2.45
C GLN A 293 37.18 -1.40 1.25
N LYS A 294 36.30 -2.40 1.27
CA LYS A 294 35.39 -2.55 0.14
C LYS A 294 34.47 -1.35 -0.01
N ALA A 295 33.95 -0.85 1.10
CA ALA A 295 33.06 0.33 1.07
C ALA A 295 33.78 1.50 0.42
N ALA A 296 35.06 1.66 0.71
CA ALA A 296 35.82 2.79 0.19
C ALA A 296 36.16 2.62 -1.29
N GLU A 297 36.49 1.40 -1.68
CA GLU A 297 37.02 1.15 -3.02
C GLU A 297 36.00 0.81 -4.09
N ASN A 298 34.86 0.27 -3.70
CA ASN A 298 33.97 -0.37 -4.68
C ASN A 298 32.76 0.52 -5.03
N GLU A 299 32.18 0.26 -6.20
CA GLU A 299 30.94 0.94 -6.58
CA GLU A 299 30.95 0.94 -6.58
C GLU A 299 29.80 0.00 -6.31
N TYR A 300 28.76 0.50 -5.68
CA TYR A 300 27.57 -0.30 -5.41
C TYR A 300 26.32 0.43 -5.92
N SER A 301 25.17 -0.21 -5.76
CA SER A 301 23.92 0.37 -6.25
C SER A 301 22.77 -0.25 -5.50
N HIS A 302 21.54 0.20 -5.82
CA HIS A 302 20.34 -0.45 -5.31
C HIS A 302 20.29 -1.92 -5.65
N ASP A 303 20.99 -2.32 -6.71
CA ASP A 303 21.01 -3.74 -7.10
C ASP A 303 21.52 -4.64 -5.95
N HIS A 304 22.42 -4.11 -5.12
CA HIS A 304 22.95 -4.84 -3.99
C HIS A 304 22.00 -4.94 -2.80
N TYR A 305 20.92 -4.16 -2.81
CA TYR A 305 20.04 -4.10 -1.65
C TYR A 305 19.40 -5.46 -1.35
N PHE A 306 18.82 -6.06 -2.37
CA PHE A 306 18.04 -7.29 -2.22
C PHE A 306 18.81 -8.38 -1.47
N SER A 307 19.98 -8.75 -1.99
CA SER A 307 20.73 -9.87 -1.38
C SER A 307 21.45 -9.46 -0.10
N THR A 308 21.80 -8.18 0.02
CA THR A 308 22.38 -7.73 1.28
C THR A 308 21.40 -7.94 2.43
N VAL A 309 20.14 -7.60 2.21
CA VAL A 309 19.13 -7.74 3.26
C VAL A 309 18.87 -9.21 3.56
N LEU A 310 18.74 -10.04 2.53
CA LEU A 310 18.56 -11.46 2.78
C LEU A 310 19.74 -12.00 3.63
N GLY A 311 20.95 -11.60 3.26
CA GLY A 311 22.15 -12.05 3.97
C GLY A 311 22.19 -11.60 5.43
N LEU A 312 21.64 -10.41 5.70
CA LEU A 312 21.55 -9.89 7.07
C LEU A 312 20.62 -10.69 7.98
N MET A 313 19.72 -11.47 7.40
CA MET A 313 18.80 -12.28 8.20
CA MET A 313 18.81 -12.27 8.20
C MET A 313 19.18 -13.75 8.23
N ASP A 314 20.33 -14.12 7.64
CA ASP A 314 20.75 -15.51 7.57
C ASP A 314 19.70 -16.37 6.86
N ILE A 315 19.13 -15.83 5.80
CA ILE A 315 18.06 -16.54 5.08
C ILE A 315 18.72 -17.58 4.17
N SER A 316 18.36 -18.83 4.39
CA SER A 316 18.89 -19.94 3.59
C SER A 316 17.87 -20.54 2.64
N ASN A 317 18.35 -21.36 1.72
CA ASN A 317 17.49 -22.06 0.78
C ASN A 317 16.72 -21.08 -0.12
N SER A 318 17.35 -19.94 -0.41
CA SER A 318 16.81 -18.99 -1.39
C SER A 318 17.43 -19.21 -2.76
N GLN A 319 16.59 -19.15 -3.78
CA GLN A 319 17.06 -19.16 -5.15
C GLN A 319 17.32 -17.76 -5.69
N THR A 320 16.70 -16.74 -5.09
CA THR A 320 16.89 -15.35 -5.55
C THR A 320 18.18 -14.73 -5.02
N TYR A 321 18.65 -15.23 -3.87
CA TYR A 321 19.89 -14.71 -3.27
C TYR A 321 21.06 -14.88 -4.20
N ARG A 322 21.84 -13.81 -4.32
CA ARG A 322 23.10 -13.84 -5.06
C ARG A 322 24.25 -13.39 -4.19
N LYS A 323 25.11 -14.33 -3.79
CA LYS A 323 26.22 -14.02 -2.92
C LYS A 323 27.04 -12.86 -3.47
N GLU A 324 27.23 -12.80 -4.78
CA GLU A 324 28.05 -11.74 -5.37
CA GLU A 324 28.05 -11.74 -5.38
C GLU A 324 27.43 -10.34 -5.24
N MET A 325 26.12 -10.30 -4.99
CA MET A 325 25.42 -9.04 -4.86
C MET A 325 25.06 -8.72 -3.40
N ASP A 326 25.58 -9.51 -2.46
CA ASP A 326 25.43 -9.28 -1.03
C ASP A 326 26.71 -8.56 -0.58
N ILE A 327 26.57 -7.28 -0.27
CA ILE A 327 27.73 -6.45 0.07
C ILE A 327 28.62 -7.08 1.14
N LEU A 328 28.01 -7.71 2.13
CA LEU A 328 28.75 -8.20 3.28
CA LEU A 328 28.74 -8.20 3.28
C LEU A 328 29.36 -9.57 3.05
N ALA A 329 28.85 -10.31 2.04
CA ALA A 329 29.27 -11.71 1.86
C ALA A 329 30.76 -11.82 1.60
N ALA A 330 31.32 -10.87 0.86
CA ALA A 330 32.76 -10.88 0.57
C ALA A 330 33.63 -10.73 1.83
N CYS A 331 33.01 -10.29 2.91
CA CYS A 331 33.71 -10.09 4.16
C CYS A 331 33.10 -10.95 5.27
N ARG A 332 32.28 -11.91 4.89
CA ARG A 332 31.65 -12.78 5.86
C ARG A 332 32.45 -14.08 6.00
N ARG A 333 32.76 -14.39 7.25
CA ARG A 333 33.58 -15.56 7.57
CA ARG A 333 33.59 -15.54 7.58
C ARG A 333 32.87 -16.86 7.32
N PRO A 334 33.64 -17.91 6.99
CA PRO A 334 33.04 -19.22 6.79
C PRO A 334 32.41 -19.77 8.07
N ASN B 2 7.15 15.10 -8.52
CA ASN B 2 7.54 16.49 -8.73
C ASN B 2 6.30 17.39 -8.76
N ILE B 3 5.14 16.90 -8.30
CA ILE B 3 3.88 17.72 -8.31
C ILE B 3 3.16 17.81 -6.93
N PRO B 4 2.44 18.92 -6.67
CA PRO B 4 1.93 19.17 -5.32
C PRO B 4 0.75 18.25 -4.94
N TYR B 5 0.69 17.86 -3.70
CA TYR B 5 -0.42 17.12 -3.15
C TYR B 5 -1.46 18.08 -2.65
N THR B 6 -2.73 17.79 -2.91
CA THR B 6 -3.84 18.61 -2.39
C THR B 6 -4.58 17.85 -1.30
N GLN B 7 -4.59 18.41 -0.09
CA GLN B 7 -5.43 17.89 0.98
C GLN B 7 -6.83 18.41 0.74
N LEU B 8 -7.84 17.58 1.01
CA LEU B 8 -9.23 17.97 0.72
C LEU B 8 -10.08 17.85 1.95
N ASP B 9 -11.14 18.66 2.00
CA ASP B 9 -12.17 18.51 3.00
C ASP B 9 -11.64 18.56 4.41
N MET B 10 -10.83 19.58 4.73
CA MET B 10 -10.22 19.65 6.05
CA MET B 10 -10.22 19.64 6.05
C MET B 10 -11.20 20.02 7.16
N ALA B 11 -12.42 20.46 6.80
CA ALA B 11 -13.40 20.83 7.80
C ALA B 11 -14.37 19.70 8.18
N VAL B 12 -14.26 18.53 7.54
CA VAL B 12 -15.30 17.52 7.76
C VAL B 12 -15.35 17.09 9.21
N VAL B 13 -16.58 16.82 9.63
CA VAL B 13 -16.87 16.22 10.90
C VAL B 13 -18.08 15.27 10.61
N GLN B 14 -18.44 14.42 11.55
CA GLN B 14 -19.75 13.74 11.45
C GLN B 14 -20.83 14.59 12.09
N ASN B 15 -22.03 14.48 11.55
CA ASN B 15 -23.18 15.18 12.11
C ASN B 15 -24.29 14.16 12.32
N ARG B 16 -24.05 13.22 13.24
CA ARG B 16 -25.05 12.21 13.57
C ARG B 16 -26.14 12.81 14.43
N PRO B 17 -27.39 12.39 14.21
CA PRO B 17 -28.42 12.92 15.14
C PRO B 17 -28.11 12.65 16.61
N ALA B 18 -28.54 13.55 17.50
CA ALA B 18 -28.28 13.35 18.91
C ALA B 18 -28.80 11.97 19.38
N GLY B 19 -28.04 11.34 20.26
CA GLY B 19 -28.43 10.06 20.83
C GLY B 19 -28.41 8.87 19.88
N SER B 20 -27.72 9.03 18.73
CA SER B 20 -27.69 7.98 17.68
C SER B 20 -26.99 6.72 18.10
N LEU B 21 -27.45 5.59 17.56
CA LEU B 21 -26.75 4.35 17.71
C LEU B 21 -25.45 4.42 16.91
N ARG B 22 -24.50 3.58 17.26
CA ARG B 22 -23.35 3.34 16.39
C ARG B 22 -23.75 2.93 14.96
N ARG B 23 -23.03 3.47 14.00
CA ARG B 23 -23.26 3.23 12.58
C ARG B 23 -22.04 2.47 12.03
N PHE B 24 -22.27 1.30 11.46
CA PHE B 24 -21.20 0.41 11.00
C PHE B 24 -21.46 0.07 9.54
N VAL B 25 -20.58 0.52 8.66
CA VAL B 25 -20.77 0.34 7.22
C VAL B 25 -19.68 -0.55 6.64
N VAL B 26 -20.09 -1.58 5.92
CA VAL B 26 -19.14 -2.49 5.27
C VAL B 26 -19.24 -2.21 3.77
N LEU B 27 -18.09 -1.92 3.18
CA LEU B 27 -17.93 -1.76 1.75
C LEU B 27 -17.27 -3.01 1.20
N VAL B 28 -18.06 -3.89 0.59
CA VAL B 28 -17.49 -5.03 -0.09
C VAL B 28 -17.11 -4.59 -1.48
N VAL B 29 -15.81 -4.64 -1.79
CA VAL B 29 -15.37 -4.29 -3.11
C VAL B 29 -15.13 -5.58 -3.86
N GLY B 30 -16.03 -5.84 -4.83
CA GLY B 30 -16.00 -7.03 -5.67
C GLY B 30 -14.88 -6.96 -6.69
N GLU B 31 -14.76 -8.05 -7.46
CA GLU B 31 -13.70 -8.16 -8.45
C GLU B 31 -14.13 -9.07 -9.61
N THR B 32 -14.24 -8.47 -10.79
CA THR B 32 -14.48 -9.20 -12.04
C THR B 32 -15.90 -9.70 -12.25
N THR B 33 -16.69 -9.70 -11.22
CA THR B 33 -18.06 -10.14 -11.30
C THR B 33 -18.88 -9.17 -12.11
N ARG B 34 -19.65 -9.69 -13.06
CA ARG B 34 -20.39 -8.86 -14.00
C ARG B 34 -21.92 -8.96 -13.88
N ALA B 35 -22.57 -7.88 -14.29
CA ALA B 35 -24.00 -7.75 -14.15
C ALA B 35 -24.80 -8.83 -14.89
N ALA B 36 -24.32 -9.21 -16.06
CA ALA B 36 -25.05 -10.14 -16.95
C ALA B 36 -25.15 -11.54 -16.38
N ASN B 37 -24.35 -11.86 -15.37
CA ASN B 37 -24.41 -13.21 -14.78
C ASN B 37 -24.85 -13.17 -13.31
N TRP B 38 -25.62 -12.13 -12.96
CA TRP B 38 -26.03 -11.87 -11.58
C TRP B 38 -27.52 -12.23 -11.46
N GLY B 39 -27.87 -13.23 -10.64
CA GLY B 39 -29.22 -13.72 -10.56
C GLY B 39 -30.26 -12.62 -10.33
N LEU B 40 -29.94 -11.70 -9.44
CA LEU B 40 -30.90 -10.62 -9.14
C LEU B 40 -31.22 -9.76 -10.33
N ASN B 41 -30.33 -9.72 -11.33
CA ASN B 41 -30.61 -8.97 -12.55
C ASN B 41 -31.44 -9.75 -13.57
N GLY B 42 -31.86 -10.95 -13.20
CA GLY B 42 -32.66 -11.78 -14.10
C GLY B 42 -31.86 -12.69 -15.03
N TYR B 43 -30.60 -12.88 -14.69
CA TYR B 43 -29.82 -13.92 -15.35
C TYR B 43 -30.59 -15.22 -15.34
N SER B 44 -30.46 -16.02 -16.41
CA SER B 44 -31.27 -17.24 -16.54
C SER B 44 -30.97 -18.28 -15.46
N ARG B 45 -29.77 -18.21 -14.88
CA ARG B 45 -29.39 -19.06 -13.76
C ARG B 45 -29.41 -18.29 -12.46
N GLN B 46 -29.85 -18.95 -11.38
CA GLN B 46 -29.90 -18.34 -10.06
C GLN B 46 -28.50 -18.41 -9.43
N THR B 47 -27.70 -17.41 -9.76
CA THR B 47 -26.34 -17.35 -9.22
C THR B 47 -26.30 -16.57 -7.89
N THR B 48 -27.45 -16.05 -7.47
CA THR B 48 -27.50 -15.31 -6.22
C THR B 48 -28.67 -15.77 -5.35
N PRO B 49 -28.69 -17.06 -5.00
CA PRO B 49 -29.85 -17.58 -4.25
C PRO B 49 -29.98 -17.05 -2.81
N LEU B 50 -28.88 -16.86 -2.09
CA LEU B 50 -29.02 -16.39 -0.72
C LEU B 50 -29.50 -14.95 -0.68
N LEU B 51 -28.97 -14.09 -1.54
CA LEU B 51 -29.46 -12.72 -1.60
C LEU B 51 -30.90 -12.64 -2.15
N ALA B 52 -31.21 -13.45 -3.17
CA ALA B 52 -32.60 -13.50 -3.71
C ALA B 52 -33.61 -13.90 -2.65
N ALA B 53 -33.22 -14.85 -1.79
CA ALA B 53 -34.16 -15.40 -0.80
C ALA B 53 -34.49 -14.36 0.25
N ARG B 54 -33.61 -13.35 0.38
CA ARG B 54 -33.84 -12.26 1.32
C ARG B 54 -34.89 -11.23 0.84
N GLY B 55 -35.30 -11.33 -0.41
CA GLY B 55 -36.31 -10.47 -1.00
C GLY B 55 -35.94 -9.01 -0.85
N ASP B 56 -36.88 -8.18 -0.41
CA ASP B 56 -36.65 -6.71 -0.47
C ASP B 56 -35.69 -6.19 0.60
N GLU B 57 -35.20 -7.09 1.44
N GLU B 57 -35.18 -7.11 1.42
CA GLU B 57 -34.11 -6.82 2.36
CA GLU B 57 -34.12 -6.75 2.36
C GLU B 57 -32.85 -6.37 1.59
C GLU B 57 -32.87 -6.36 1.58
N ILE B 58 -32.80 -6.75 0.32
CA ILE B 58 -31.66 -6.46 -0.55
C ILE B 58 -32.14 -5.53 -1.64
N VAL B 59 -31.47 -4.38 -1.73
CA VAL B 59 -31.70 -3.46 -2.82
C VAL B 59 -30.70 -3.73 -3.94
N ASN B 60 -31.23 -4.09 -5.10
CA ASN B 60 -30.42 -4.43 -6.25
C ASN B 60 -30.51 -3.36 -7.31
N PHE B 61 -29.39 -3.11 -7.96
CA PHE B 61 -29.27 -2.06 -8.95
C PHE B 61 -28.92 -2.68 -10.30
N PRO B 62 -29.91 -2.83 -11.18
CA PRO B 62 -29.66 -3.56 -12.43
C PRO B 62 -28.95 -2.79 -13.54
N GLN B 63 -28.73 -1.50 -13.35
N GLN B 63 -28.73 -1.49 -13.37
CA GLN B 63 -28.02 -0.67 -14.29
CA GLN B 63 -27.99 -0.69 -14.31
C GLN B 63 -26.86 0.14 -13.68
C GLN B 63 -26.86 0.14 -13.69
N VAL B 64 -25.71 -0.45 -13.60
CA VAL B 64 -24.54 0.17 -12.99
C VAL B 64 -23.35 -0.07 -13.88
N ARG B 65 -22.57 0.98 -14.10
CA ARG B 65 -21.36 0.87 -14.91
CA ARG B 65 -21.36 0.87 -14.91
C ARG B 65 -20.10 1.17 -14.13
N SER B 66 -19.00 0.53 -14.51
CA SER B 66 -17.73 0.79 -13.85
C SER B 66 -16.98 2.02 -14.40
N CYS B 67 -16.01 2.50 -13.64
CA CYS B 67 -15.12 3.57 -14.08
C CYS B 67 -14.07 3.06 -15.08
N GLY B 68 -13.59 1.82 -14.89
CA GLY B 68 -12.56 1.30 -15.74
C GLY B 68 -12.87 -0.17 -16.02
N THR B 69 -12.03 -0.79 -16.81
CA THR B 69 -12.18 -2.23 -17.06
C THR B 69 -11.04 -3.01 -16.43
N SER B 70 -10.28 -2.35 -15.58
CA SER B 70 -9.24 -3.02 -14.82
C SER B 70 -9.21 -2.49 -13.41
N TPO B 71 -8.68 -3.32 -12.52
CA TPO B 71 -8.62 -2.98 -11.11
CB TPO B 71 -7.99 -4.12 -10.33
CG2 TPO B 71 -8.36 -4.03 -8.86
OG1 TPO B 71 -8.59 -5.31 -10.85
P TPO B 71 -7.48 -6.31 -11.54
O1P TPO B 71 -6.20 -6.39 -10.80
O2P TPO B 71 -8.21 -7.73 -11.41
O3P TPO B 71 -7.23 -5.93 -13.10
C TPO B 71 -7.87 -1.68 -10.88
O TPO B 71 -8.31 -0.86 -10.10
H TPO B 71 -8.35 -4.08 -12.71
HA TPO B 71 -9.54 -2.86 -10.78
HB TPO B 71 -6.90 -4.15 -10.47
HG21 TPO B 71 -7.90 -4.86 -8.31
HG22 TPO B 71 -9.44 -4.08 -8.75
HG23 TPO B 71 -7.99 -3.09 -8.45
N ALA B 72 -6.70 -1.55 -11.50
CA ALA B 72 -5.81 -0.47 -11.16
C ALA B 72 -6.42 0.85 -11.60
N HIS B 73 -7.38 0.78 -12.51
CA HIS B 73 -8.13 1.98 -12.94
C HIS B 73 -9.36 2.19 -12.05
N SER B 74 -10.22 1.18 -11.96
CA SER B 74 -11.46 1.35 -11.21
C SER B 74 -11.32 1.68 -9.71
N LEU B 75 -10.40 1.06 -9.01
CA LEU B 75 -10.35 1.25 -7.56
C LEU B 75 -9.94 2.67 -7.24
N PRO B 76 -8.86 3.16 -7.87
CA PRO B 76 -8.55 4.54 -7.48
C PRO B 76 -9.60 5.54 -7.95
N CYS B 77 -10.19 5.28 -9.10
CA CYS B 77 -11.24 6.15 -9.62
C CYS B 77 -12.46 6.18 -8.71
N MET B 78 -12.94 5.01 -8.28
CA MET B 78 -14.19 4.94 -7.50
C MET B 78 -13.99 5.55 -6.11
N PHE B 79 -12.76 5.51 -5.60
CA PHE B 79 -12.47 6.09 -4.30
C PHE B 79 -11.98 7.53 -4.43
N SER B 80 -12.02 8.08 -5.65
CA SER B 80 -11.62 9.48 -5.85
C SER B 80 -12.83 10.42 -6.10
N THR B 81 -12.61 11.72 -5.91
CA THR B 81 -13.60 12.72 -6.24
C THR B 81 -13.94 12.78 -7.73
N PHE B 82 -13.07 12.28 -8.58
CA PHE B 82 -13.27 12.33 -10.02
C PHE B 82 -14.34 11.36 -10.52
N ASP B 83 -15.09 11.81 -11.52
CA ASP B 83 -16.00 10.96 -12.28
C ASP B 83 -15.22 10.31 -13.40
N ARG B 84 -15.73 9.20 -13.92
CA ARG B 84 -15.04 8.50 -15.00
C ARG B 84 -14.56 9.45 -16.10
N THR B 85 -15.42 10.36 -16.55
CA THR B 85 -15.05 11.23 -17.67
C THR B 85 -13.93 12.22 -17.39
N ASP B 86 -13.65 12.52 -16.14
CA ASP B 86 -12.58 13.44 -15.90
C ASP B 86 -11.50 12.88 -14.99
N TYR B 87 -11.56 11.56 -14.73
CA TYR B 87 -10.53 10.89 -13.95
C TYR B 87 -9.15 10.98 -14.59
N ASP B 88 -8.18 11.27 -13.76
CA ASP B 88 -6.79 11.31 -14.17
C ASP B 88 -6.00 10.68 -13.06
N GLU B 89 -5.29 9.61 -13.39
CA GLU B 89 -4.54 8.86 -12.39
C GLU B 89 -3.54 9.70 -11.60
N ILE B 90 -2.84 10.58 -12.28
CA ILE B 90 -1.83 11.37 -11.58
C ILE B 90 -2.51 12.35 -10.62
N LYS B 91 -3.54 13.03 -11.10
CA LYS B 91 -4.27 13.98 -10.25
C LYS B 91 -4.87 13.26 -9.05
N ALA B 92 -5.45 12.08 -9.27
CA ALA B 92 -6.07 11.35 -8.17
C ALA B 92 -5.06 10.88 -7.12
N GLU B 93 -3.87 10.51 -7.59
N GLU B 93 -3.88 10.47 -7.58
CA GLU B 93 -2.83 10.02 -6.71
CA GLU B 93 -2.81 10.02 -6.69
C GLU B 93 -2.24 11.15 -5.87
C GLU B 93 -2.35 11.17 -5.79
N HIS B 94 -2.47 12.38 -6.31
CA HIS B 94 -1.94 13.53 -5.60
C HIS B 94 -2.97 14.39 -4.85
N GLN B 95 -4.04 13.75 -4.41
CA GLN B 95 -4.97 14.36 -3.50
C GLN B 95 -5.59 13.31 -2.58
N ASP B 96 -6.17 13.77 -1.48
CA ASP B 96 -6.90 12.93 -0.53
C ASP B 96 -8.01 12.15 -1.23
N ASN B 97 -8.15 10.91 -0.85
CA ASN B 97 -9.23 10.10 -1.40
C ASN B 97 -10.37 9.97 -0.40
N LEU B 98 -11.41 9.26 -0.81
CA LEU B 98 -12.58 9.07 0.04
C LEU B 98 -12.24 8.58 1.45
N LEU B 99 -11.34 7.61 1.58
CA LEU B 99 -11.09 7.06 2.88
C LEU B 99 -10.25 8.01 3.73
N ASP B 100 -9.38 8.80 3.12
CA ASP B 100 -8.60 9.79 3.87
C ASP B 100 -9.59 10.78 4.50
N ILE B 101 -10.58 11.16 3.73
CA ILE B 101 -11.59 12.15 4.21
C ILE B 101 -12.49 11.55 5.30
N VAL B 102 -13.00 10.36 5.03
CA VAL B 102 -13.79 9.67 6.03
C VAL B 102 -13.03 9.51 7.34
N GLN B 103 -11.75 9.15 7.28
CA GLN B 103 -10.98 8.97 8.49
C GLN B 103 -10.80 10.31 9.22
N ARG B 104 -10.58 11.36 8.45
CA ARG B 104 -10.40 12.70 9.02
C ARG B 104 -11.66 13.12 9.80
N ALA B 105 -12.81 12.67 9.32
CA ALA B 105 -14.11 13.02 9.91
C ALA B 105 -14.30 12.31 11.24
N GLY B 106 -13.40 11.41 11.59
CA GLY B 106 -13.48 10.77 12.90
C GLY B 106 -13.99 9.33 12.86
N VAL B 107 -14.25 8.85 11.66
CA VAL B 107 -14.73 7.48 11.43
C VAL B 107 -13.57 6.49 11.47
N GLU B 108 -13.76 5.36 12.16
N GLU B 108 -13.81 5.33 12.06
CA GLU B 108 -12.78 4.25 12.15
CA GLU B 108 -12.79 4.31 12.21
C GLU B 108 -12.82 3.56 10.80
C GLU B 108 -12.75 3.47 10.90
N VAL B 109 -11.75 3.70 10.05
CA VAL B 109 -11.67 3.04 8.75
C VAL B 109 -10.74 1.87 8.86
N THR B 110 -11.15 0.71 8.37
CA THR B 110 -10.26 -0.44 8.29
C THR B 110 -10.39 -1.06 6.91
N TRP B 111 -9.26 -1.39 6.31
CA TRP B 111 -9.22 -2.04 5.02
C TRP B 111 -8.61 -3.44 5.11
N LEU B 112 -9.42 -4.44 4.77
CA LEU B 112 -8.94 -5.81 4.73
C LEU B 112 -8.81 -6.25 3.28
N GLU B 113 -7.60 -6.72 2.93
CA GLU B 113 -7.24 -6.94 1.53
C GLU B 113 -7.05 -8.43 1.23
N ASN B 114 -7.73 -8.92 0.19
CA ASN B 114 -7.55 -10.31 -0.26
C ASN B 114 -7.48 -10.39 -1.79
N ASP B 115 -7.06 -9.30 -2.46
CA ASP B 115 -7.12 -9.24 -3.93
C ASP B 115 -5.80 -8.72 -4.59
N SER B 116 -4.70 -9.01 -3.93
CA SER B 116 -3.34 -8.73 -4.46
C SER B 116 -2.86 -7.28 -4.28
N GLY B 117 -3.75 -6.36 -3.88
CA GLY B 117 -3.32 -5.04 -3.45
C GLY B 117 -4.40 -3.98 -3.55
N CYS B 118 -4.31 -2.97 -2.68
CA CYS B 118 -5.37 -1.95 -2.62
C CYS B 118 -5.13 -0.79 -3.55
N LYS B 119 -4.12 -0.90 -4.41
CA LYS B 119 -3.89 0.07 -5.49
C LYS B 119 -3.71 1.49 -5.00
N GLY B 120 -3.02 1.62 -3.87
CA GLY B 120 -2.66 2.93 -3.31
C GLY B 120 -3.80 3.62 -2.55
N VAL B 121 -4.96 2.97 -2.48
CA VAL B 121 -6.11 3.60 -1.84
C VAL B 121 -6.05 3.51 -0.31
N CYS B 122 -5.48 2.44 0.22
CA CYS B 122 -5.60 2.11 1.64
C CYS B 122 -4.42 2.45 2.56
N GLY B 123 -3.35 3.00 2.01
CA GLY B 123 -2.09 3.08 2.75
C GLY B 123 -2.19 3.92 4.03
N LYS B 124 -3.04 4.95 4.01
CA LYS B 124 -3.09 5.88 5.14
C LYS B 124 -4.12 5.56 6.22
N VAL B 125 -4.80 4.44 6.05
CA VAL B 125 -5.72 3.93 7.06
C VAL B 125 -5.30 2.54 7.49
N PRO B 126 -5.79 2.08 8.64
CA PRO B 126 -5.40 0.75 9.10
C PRO B 126 -5.73 -0.28 8.01
N ASN B 127 -4.76 -1.06 7.62
CA ASN B 127 -4.96 -2.01 6.52
C ASN B 127 -4.18 -3.25 6.75
N THR B 128 -4.77 -4.37 6.36
CA THR B 128 -4.12 -5.68 6.52
C THR B 128 -4.42 -6.51 5.27
N ASP B 129 -3.41 -7.15 4.72
CA ASP B 129 -3.60 -8.12 3.64
C ASP B 129 -3.62 -9.54 4.26
N VAL B 130 -4.76 -10.22 4.15
CA VAL B 130 -4.95 -11.50 4.80
C VAL B 130 -4.46 -12.68 3.99
N THR B 131 -4.14 -12.44 2.72
CA THR B 131 -3.84 -13.54 1.81
C THR B 131 -2.60 -14.31 2.30
N SER B 132 -1.66 -13.60 2.92
CA SER B 132 -0.40 -14.23 3.34
CA SER B 132 -0.40 -14.23 3.34
C SER B 132 -0.61 -15.22 4.48
N LEU B 133 -1.77 -15.16 5.14
CA LEU B 133 -2.04 -16.12 6.21
C LEU B 133 -1.94 -17.56 5.72
N ASN B 134 -2.21 -17.77 4.43
CA ASN B 134 -2.07 -19.07 3.78
C ASN B 134 -2.70 -20.19 4.61
N LEU B 135 -3.97 -20.01 5.01
CA LEU B 135 -4.67 -21.04 5.74
C LEU B 135 -5.09 -22.12 4.79
N PRO B 136 -4.80 -23.39 5.14
CA PRO B 136 -5.12 -24.51 4.24
C PRO B 136 -6.61 -24.67 3.91
N GLU B 137 -7.47 -24.14 4.78
CA GLU B 137 -8.91 -24.16 4.55
C GLU B 137 -9.30 -23.27 3.36
N TYR B 138 -8.57 -22.18 3.16
CA TYR B 138 -8.99 -21.15 2.21
C TYR B 138 -8.02 -20.91 1.06
N CYS B 139 -6.74 -21.24 1.22
CA CYS B 139 -5.72 -20.72 0.32
C CYS B 139 -4.93 -21.78 -0.43
N ARG B 140 -4.59 -21.43 -1.67
CA ARG B 140 -3.77 -22.28 -2.52
C ARG B 140 -3.04 -21.40 -3.54
N ASN B 141 -1.76 -21.68 -3.76
CA ASN B 141 -0.95 -20.97 -4.76
C ASN B 141 -0.99 -19.45 -4.60
N GLY B 142 -1.06 -19.00 -3.36
CA GLY B 142 -0.95 -17.59 -3.04
C GLY B 142 -2.20 -16.77 -3.23
N GLU B 143 -3.34 -17.45 -3.38
CA GLU B 143 -4.65 -16.76 -3.37
C GLU B 143 -5.57 -17.48 -2.39
N CYS B 144 -6.59 -16.78 -1.89
CA CYS B 144 -7.43 -17.35 -0.88
C CYS B 144 -8.90 -17.11 -1.21
N LEU B 145 -9.72 -18.11 -0.91
CA LEU B 145 -11.19 -17.95 -0.90
C LEU B 145 -11.57 -16.76 0.01
N ASP B 146 -12.52 -15.95 -0.46
CA ASP B 146 -12.85 -14.71 0.25
C ASP B 146 -13.38 -14.90 1.68
N ASN B 147 -13.92 -16.06 2.01
CA ASN B 147 -14.39 -16.26 3.37
C ASN B 147 -13.26 -16.08 4.40
N ILE B 148 -12.01 -16.16 3.95
CA ILE B 148 -10.88 -15.88 4.87
C ILE B 148 -11.05 -14.49 5.49
N LEU B 149 -11.60 -13.56 4.73
CA LEU B 149 -11.81 -12.20 5.27
C LEU B 149 -12.70 -12.19 6.53
N LEU B 150 -13.66 -13.12 6.59
CA LEU B 150 -14.59 -13.20 7.71
C LEU B 150 -13.91 -13.56 9.04
N THR B 151 -12.75 -14.21 8.96
CA THR B 151 -12.01 -14.56 10.18
C THR B 151 -11.45 -13.32 10.91
N LYS B 152 -11.40 -12.17 10.25
CA LYS B 152 -10.87 -10.97 10.85
CA LYS B 152 -10.86 -10.96 10.86
C LYS B 152 -11.93 -9.89 11.04
N PHE B 153 -13.18 -10.24 10.73
CA PHE B 153 -14.29 -9.29 10.77
C PHE B 153 -14.66 -8.87 12.20
N ASP B 154 -14.82 -9.87 13.10
CA ASP B 154 -15.27 -9.61 14.45
C ASP B 154 -14.34 -8.69 15.20
N GLU B 155 -13.04 -8.82 14.96
CA GLU B 155 -12.07 -7.97 15.59
C GLU B 155 -12.35 -6.48 15.25
N VAL B 156 -12.74 -6.23 13.99
CA VAL B 156 -12.96 -4.85 13.58
C VAL B 156 -14.25 -4.36 14.21
N LEU B 157 -15.29 -5.19 14.12
CA LEU B 157 -16.60 -4.87 14.68
C LEU B 157 -16.45 -4.48 16.17
N ASN B 158 -15.63 -5.23 16.89
CA ASN B 158 -15.59 -5.07 18.33
C ASN B 158 -14.47 -4.16 18.80
N LYS B 159 -13.78 -3.52 17.88
CA LYS B 159 -12.57 -2.77 18.21
C LYS B 159 -12.87 -1.69 19.24
N ASN B 160 -13.95 -0.96 18.98
CA ASN B 160 -14.41 0.13 19.83
C ASN B 160 -15.82 0.52 19.41
N ASP B 161 -16.36 1.58 20.02
CA ASP B 161 -17.76 1.95 19.75
C ASP B 161 -17.94 3.02 18.69
N LYS B 162 -16.85 3.48 18.09
CA LYS B 162 -16.92 4.52 17.09
C LYS B 162 -17.66 4.03 15.83
N ASP B 163 -18.24 4.97 15.09
CA ASP B 163 -18.79 4.65 13.78
C ASP B 163 -17.62 4.20 12.91
N ALA B 164 -17.90 3.34 11.94
CA ALA B 164 -16.84 2.66 11.22
C ALA B 164 -17.19 2.38 9.77
N VAL B 165 -16.13 2.31 8.94
CA VAL B 165 -16.21 1.87 7.56
C VAL B 165 -15.17 0.80 7.43
N LEU B 166 -15.64 -0.41 7.17
CA LEU B 166 -14.78 -1.57 6.93
C LEU B 166 -14.82 -1.96 5.48
N ILE B 167 -13.67 -1.95 4.80
CA ILE B 167 -13.60 -2.34 3.41
C ILE B 167 -13.12 -3.77 3.37
N LEU B 168 -13.87 -4.60 2.66
CA LEU B 168 -13.50 -5.98 2.41
C LEU B 168 -13.22 -6.08 0.95
N HIS B 169 -11.94 -6.12 0.57
CA HIS B 169 -11.59 -6.13 -0.83
C HIS B 169 -11.37 -7.56 -1.27
N THR B 170 -12.35 -8.06 -2.03
CA THR B 170 -12.36 -9.47 -2.42
C THR B 170 -11.67 -9.79 -3.74
N ILE B 171 -11.33 -11.08 -3.93
CA ILE B 171 -10.86 -11.60 -5.20
C ILE B 171 -12.00 -12.07 -6.13
N GLY B 172 -13.17 -12.32 -5.56
CA GLY B 172 -14.39 -12.42 -6.34
C GLY B 172 -14.35 -13.39 -7.49
N SER B 173 -14.51 -12.89 -8.70
CA SER B 173 -14.60 -13.75 -9.89
C SER B 173 -13.31 -13.76 -10.72
N HIS B 174 -12.18 -13.35 -10.11
CA HIS B 174 -10.97 -13.15 -10.88
C HIS B 174 -10.51 -14.44 -11.51
N GLY B 175 -10.10 -14.35 -12.77
CA GLY B 175 -9.51 -15.47 -13.50
C GLY B 175 -8.06 -15.21 -13.85
N PRO B 176 -7.46 -16.12 -14.63
CA PRO B 176 -8.09 -17.31 -15.24
C PRO B 176 -8.32 -18.51 -14.31
N THR B 177 -7.85 -18.50 -13.07
CA THR B 177 -8.17 -19.59 -12.14
C THR B 177 -9.55 -19.39 -11.49
N TYR B 178 -10.57 -19.32 -12.33
CA TYR B 178 -11.94 -19.12 -11.81
C TYR B 178 -12.29 -20.24 -10.87
N TYR B 179 -11.79 -21.43 -11.16
CA TYR B 179 -12.12 -22.59 -10.36
C TYR B 179 -11.69 -22.53 -8.90
N GLU B 180 -10.74 -21.65 -8.59
CA GLU B 180 -10.25 -21.47 -7.23
C GLU B 180 -11.09 -20.52 -6.41
N ARG B 181 -12.11 -19.93 -7.02
CA ARG B 181 -12.88 -18.88 -6.38
C ARG B 181 -14.05 -19.39 -5.55
N TYR B 182 -14.31 -20.69 -5.63
CA TYR B 182 -15.46 -21.26 -4.94
C TYR B 182 -15.17 -22.63 -4.41
N THR B 183 -16.11 -23.18 -3.64
CA THR B 183 -15.92 -24.53 -3.09
C THR B 183 -16.94 -25.47 -3.68
N GLU B 184 -16.84 -26.74 -3.28
CA GLU B 184 -17.80 -27.77 -3.74
C GLU B 184 -19.25 -27.34 -3.50
N ALA B 185 -19.50 -26.63 -2.40
CA ALA B 185 -20.88 -26.18 -2.07
C ALA B 185 -21.47 -25.24 -3.11
N GLU B 186 -20.60 -24.59 -3.87
CA GLU B 186 -21.03 -23.63 -4.90
C GLU B 186 -20.81 -24.16 -6.30
N ARG B 187 -20.37 -25.42 -6.41
CA ARG B 187 -20.12 -26.01 -7.72
C ARG B 187 -21.41 -26.57 -8.26
N LYS B 188 -22.27 -25.66 -8.70
CA LYS B 188 -23.62 -26.02 -9.11
C LYS B 188 -23.79 -26.10 -10.60
N PHE B 189 -22.92 -25.44 -11.32
CA PHE B 189 -23.00 -25.42 -12.77
C PHE B 189 -21.81 -26.18 -13.29
N THR B 190 -22.10 -27.24 -14.03
CA THR B 190 -21.07 -28.20 -14.48
C THR B 190 -21.36 -28.62 -15.91
N PRO B 191 -20.34 -29.09 -16.61
CA PRO B 191 -18.93 -29.28 -16.20
C PRO B 191 -18.18 -27.96 -16.03
N THR B 192 -16.97 -28.06 -15.51
CA THR B 192 -16.18 -26.88 -15.17
C THR B 192 -14.82 -26.94 -15.82
N CYS B 193 -14.15 -25.79 -15.82
CA CYS B 193 -12.83 -25.64 -16.33
C CYS B 193 -11.87 -25.48 -15.12
N ASP B 194 -11.21 -26.58 -14.75
CA ASP B 194 -10.44 -26.62 -13.52
C ASP B 194 -8.94 -26.42 -13.72
N THR B 195 -8.65 -25.43 -14.55
CA THR B 195 -7.29 -25.08 -14.90
C THR B 195 -7.22 -23.59 -15.19
N ASN B 196 -6.01 -23.04 -15.11
CA ASN B 196 -5.76 -21.67 -15.52
C ASN B 196 -5.72 -21.57 -17.04
N GLU B 197 -5.54 -22.70 -17.73
CA GLU B 197 -5.39 -22.64 -19.16
C GLU B 197 -6.73 -22.67 -19.79
N ILE B 198 -7.47 -21.55 -19.64
CA ILE B 198 -8.86 -21.51 -20.03
C ILE B 198 -9.06 -21.68 -21.52
N ASN B 199 -8.00 -21.56 -22.34
CA ASN B 199 -8.17 -21.84 -23.78
C ASN B 199 -8.38 -23.33 -24.01
N LYS B 200 -8.01 -24.14 -23.03
CA LYS B 200 -8.15 -25.60 -23.19
C LYS B 200 -9.53 -26.08 -22.76
N CYS B 201 -10.43 -25.13 -22.52
CA CYS B 201 -11.82 -25.42 -22.12
C CYS B 201 -12.79 -24.83 -23.12
N THR B 202 -14.00 -25.38 -23.19
CA THR B 202 -15.03 -24.81 -24.04
C THR B 202 -15.61 -23.57 -23.36
N ARG B 203 -16.25 -22.70 -24.15
CA ARG B 203 -16.83 -21.47 -23.63
C ARG B 203 -17.93 -21.77 -22.62
N ALA B 204 -18.71 -22.81 -22.87
CA ALA B 204 -19.81 -23.17 -22.01
C ALA B 204 -19.26 -23.59 -20.65
N THR B 205 -18.18 -24.36 -20.62
CA THR B 205 -17.63 -24.79 -19.34
CA THR B 205 -17.63 -24.79 -19.36
C THR B 205 -16.98 -23.61 -18.64
N LEU B 206 -16.45 -22.67 -19.41
CA LEU B 206 -15.91 -21.46 -18.82
C LEU B 206 -17.03 -20.65 -18.12
N VAL B 207 -18.12 -20.44 -18.82
CA VAL B 207 -19.30 -19.74 -18.21
C VAL B 207 -19.77 -20.48 -16.96
N ASN B 208 -19.85 -21.81 -17.02
CA ASN B 208 -20.26 -22.57 -15.85
C ASN B 208 -19.37 -22.23 -14.63
N THR B 209 -18.07 -22.19 -14.87
CA THR B 209 -17.07 -22.07 -13.82
C THR B 209 -17.22 -20.63 -13.25
N TYR B 210 -17.36 -19.68 -14.15
CA TYR B 210 -17.56 -18.29 -13.76
C TYR B 210 -18.83 -18.16 -12.91
N ASP B 211 -19.91 -18.85 -13.32
CA ASP B 211 -21.17 -18.73 -12.57
C ASP B 211 -21.04 -19.33 -11.20
N ASN B 212 -20.25 -20.39 -11.04
CA ASN B 212 -19.97 -20.88 -9.71
C ASN B 212 -19.23 -19.82 -8.86
N THR B 213 -18.36 -19.03 -9.48
CA THR B 213 -17.72 -17.96 -8.72
C THR B 213 -18.75 -16.97 -8.20
N VAL B 214 -19.80 -16.73 -8.98
CA VAL B 214 -20.84 -15.77 -8.57
C VAL B 214 -21.61 -16.32 -7.37
N LEU B 215 -21.89 -17.63 -7.36
CA LEU B 215 -22.47 -18.25 -6.18
C LEU B 215 -21.63 -17.97 -4.93
N TYR B 216 -20.30 -17.97 -5.06
CA TYR B 216 -19.48 -17.74 -3.89
C TYR B 216 -19.55 -16.28 -3.46
N VAL B 217 -19.69 -15.37 -4.42
CA VAL B 217 -19.88 -13.94 -4.08
C VAL B 217 -21.16 -13.78 -3.27
N ASP B 218 -22.22 -14.47 -3.72
CA ASP B 218 -23.51 -14.43 -3.08
C ASP B 218 -23.42 -14.88 -1.65
N GLN B 219 -22.75 -16.01 -1.41
CA GLN B 219 -22.67 -16.53 -0.06
C GLN B 219 -21.78 -15.67 0.81
N PHE B 220 -20.85 -14.97 0.20
CA PHE B 220 -19.93 -14.14 0.98
C PHE B 220 -20.70 -12.93 1.51
N ILE B 221 -21.41 -12.28 0.61
CA ILE B 221 -22.17 -11.10 0.99
C ILE B 221 -23.17 -11.53 2.06
N ASP B 222 -23.79 -12.68 1.87
CA ASP B 222 -24.72 -13.21 2.86
C ASP B 222 -24.08 -13.40 4.23
N LYS B 223 -22.87 -13.97 4.27
CA LYS B 223 -22.21 -14.17 5.54
C LYS B 223 -21.83 -12.84 6.22
N VAL B 224 -21.56 -11.82 5.43
CA VAL B 224 -21.26 -10.53 6.00
C VAL B 224 -22.53 -10.00 6.66
N ILE B 225 -23.65 -10.11 5.94
CA ILE B 225 -24.95 -9.69 6.48
C ILE B 225 -25.25 -10.45 7.77
N ARG B 226 -24.98 -11.75 7.79
CA ARG B 226 -25.23 -12.57 9.00
C ARG B 226 -24.47 -12.10 10.24
N LYS B 227 -23.30 -11.50 10.04
CA LYS B 227 -22.52 -10.95 11.15
C LYS B 227 -23.18 -9.73 11.78
N LEU B 228 -24.08 -9.10 11.07
CA LEU B 228 -24.61 -7.82 11.51
C LEU B 228 -26.11 -7.81 11.74
N GLU B 229 -26.85 -8.71 11.09
CA GLU B 229 -28.32 -8.54 11.02
C GLU B 229 -29.07 -8.68 12.34
N ASN B 230 -28.43 -9.33 13.31
CA ASN B 230 -29.04 -9.55 14.62
C ASN B 230 -28.49 -8.60 15.67
N ARG B 231 -27.77 -7.57 15.24
CA ARG B 231 -27.22 -6.60 16.18
C ARG B 231 -28.19 -5.43 16.23
N ASP B 232 -29.22 -5.57 17.06
CA ASP B 232 -30.25 -4.56 17.12
C ASP B 232 -29.75 -3.21 17.63
N ASP B 233 -28.59 -3.20 18.29
CA ASP B 233 -28.01 -1.97 18.85
C ASP B 233 -27.12 -1.24 17.82
N LEU B 234 -27.03 -1.78 16.60
CA LEU B 234 -26.16 -1.21 15.57
CA LEU B 234 -26.16 -1.22 15.60
C LEU B 234 -26.94 -0.83 14.33
N GLU B 235 -26.70 0.39 13.82
CA GLU B 235 -27.16 0.74 12.47
C GLU B 235 -26.11 0.28 11.46
N SER B 236 -26.37 -0.79 10.73
CA SER B 236 -25.37 -1.36 9.81
CA SER B 236 -25.36 -1.33 9.82
C SER B 236 -25.86 -1.31 8.37
N VAL B 237 -24.91 -1.14 7.46
CA VAL B 237 -25.16 -1.15 6.04
C VAL B 237 -24.08 -2.01 5.41
N VAL B 238 -24.47 -2.82 4.44
CA VAL B 238 -23.50 -3.53 3.62
C VAL B 238 -23.73 -3.09 2.20
N HIS B 239 -22.68 -2.60 1.58
CA HIS B 239 -22.70 -2.13 0.20
C HIS B 239 -21.74 -2.99 -0.58
N TYR B 240 -22.20 -3.55 -1.70
CA TYR B 240 -21.37 -4.35 -2.59
C TYR B 240 -21.43 -3.77 -3.99
N VAL B 241 -20.24 -3.61 -4.58
CA VAL B 241 -20.15 -3.30 -6.00
C VAL B 241 -18.90 -3.94 -6.55
N SER B 242 -18.97 -4.47 -7.76
CA SER B 242 -17.77 -5.00 -8.42
C SER B 242 -16.87 -3.88 -8.99
N ASP B 243 -15.60 -4.18 -9.24
CA ASP B 243 -14.71 -3.17 -9.88
C ASP B 243 -14.83 -3.05 -11.42
N HIS B 244 -15.28 -4.13 -12.04
CA HIS B 244 -15.45 -4.22 -13.48
C HIS B 244 -15.92 -5.63 -13.73
N GLY B 245 -16.33 -5.88 -14.97
CA GLY B 245 -16.81 -7.19 -15.41
C GLY B 245 -15.72 -8.04 -16.05
N GLU B 246 -16.17 -8.90 -16.96
CA GLU B 246 -15.31 -9.93 -17.55
C GLU B 246 -15.89 -10.27 -18.90
N SER B 247 -15.03 -10.65 -19.84
CA SER B 247 -15.48 -11.29 -21.07
C SER B 247 -15.28 -12.80 -20.92
N LEU B 248 -16.23 -13.57 -21.46
CA LEU B 248 -16.19 -15.04 -21.33
C LEU B 248 -16.17 -15.73 -22.69
N GLY B 249 -15.43 -15.16 -23.63
CA GLY B 249 -15.28 -15.73 -24.97
C GLY B 249 -16.19 -15.14 -26.03
N GLU B 250 -17.01 -14.16 -25.67
CA GLU B 250 -17.92 -13.55 -26.63
C GLU B 250 -17.04 -12.88 -27.72
N ASN B 251 -17.29 -13.24 -28.98
CA ASN B 251 -16.48 -12.76 -30.10
C ASN B 251 -14.99 -12.94 -29.87
N GLY B 252 -14.65 -14.00 -29.16
CA GLY B 252 -13.26 -14.32 -28.95
C GLY B 252 -12.55 -13.51 -27.89
N MET B 253 -13.33 -12.80 -27.06
CA MET B 253 -12.56 -11.92 -26.11
CA MET B 253 -12.34 -12.01 -26.19
C MET B 253 -12.70 -12.68 -24.80
N TYR B 254 -11.64 -12.52 -24.07
CA TYR B 254 -11.46 -13.09 -22.74
C TYR B 254 -10.93 -12.06 -21.70
N LEU B 255 -11.06 -12.40 -20.45
CA LEU B 255 -10.58 -11.61 -19.32
C LEU B 255 -11.16 -10.19 -19.40
N HIS B 256 -10.40 -9.19 -18.97
CA HIS B 256 -10.89 -7.84 -18.93
C HIS B 256 -9.82 -6.85 -19.50
N ALA B 257 -9.80 -5.63 -19.03
CA ALA B 257 -8.84 -4.60 -19.48
C ALA B 257 -8.98 -4.16 -20.95
N ALA B 258 -10.13 -4.38 -21.54
CA ALA B 258 -10.41 -3.91 -22.87
C ALA B 258 -10.48 -2.39 -22.77
N PRO B 259 -10.03 -1.66 -23.78
CA PRO B 259 -10.12 -0.19 -23.65
C PRO B 259 -11.56 0.27 -23.48
N TYR B 260 -11.77 1.19 -22.53
CA TYR B 260 -13.11 1.43 -22.05
C TYR B 260 -14.06 1.72 -23.20
N ALA B 261 -13.66 2.58 -24.13
CA ALA B 261 -14.58 3.04 -25.18
C ALA B 261 -15.12 1.96 -26.12
N ILE B 262 -14.38 0.88 -26.28
CA ILE B 262 -14.80 -0.22 -27.13
C ILE B 262 -15.01 -1.51 -26.34
N ALA B 263 -14.87 -1.44 -25.01
CA ALA B 263 -15.13 -2.62 -24.16
C ALA B 263 -16.54 -3.16 -24.33
N PRO B 264 -16.67 -4.51 -24.32
CA PRO B 264 -18.03 -5.01 -24.34
C PRO B 264 -18.72 -4.77 -23.02
N SER B 265 -20.05 -4.84 -23.07
CA SER B 265 -20.90 -4.61 -21.90
C SER B 265 -20.55 -5.54 -20.75
N GLY B 266 -20.15 -6.77 -21.06
CA GLY B 266 -19.70 -7.67 -20.03
C GLY B 266 -18.62 -7.10 -19.14
N GLN B 267 -17.79 -6.20 -19.66
CA GLN B 267 -16.72 -5.66 -18.87
C GLN B 267 -17.05 -4.38 -18.10
N THR B 268 -18.06 -3.65 -18.56
CA THR B 268 -18.41 -2.38 -17.94
C THR B 268 -19.69 -2.39 -17.09
N HIS B 269 -20.56 -3.37 -17.31
CA HIS B 269 -21.82 -3.46 -16.59
CA HIS B 269 -21.82 -3.46 -16.58
C HIS B 269 -21.61 -4.42 -15.43
N ILE B 270 -21.76 -3.87 -14.22
CA ILE B 270 -21.37 -4.50 -12.96
C ILE B 270 -22.55 -4.56 -12.01
N PRO B 271 -22.54 -5.55 -11.11
CA PRO B 271 -23.59 -5.69 -10.09
C PRO B 271 -23.35 -4.75 -8.94
N MET B 272 -24.42 -4.37 -8.27
CA MET B 272 -24.35 -3.55 -7.06
C MET B 272 -25.58 -3.84 -6.23
N VAL B 273 -25.36 -4.12 -4.95
CA VAL B 273 -26.47 -4.29 -4.02
C VAL B 273 -26.19 -3.57 -2.70
N MET B 274 -27.26 -3.34 -1.95
CA MET B 274 -27.14 -2.79 -0.61
C MET B 274 -28.08 -3.51 0.35
N TRP B 275 -27.62 -3.67 1.58
CA TRP B 275 -28.46 -4.22 2.65
C TRP B 275 -28.40 -3.28 3.85
N PHE B 276 -29.52 -3.15 4.55
CA PHE B 276 -29.65 -2.23 5.67
C PHE B 276 -30.23 -2.97 6.87
N SER B 277 -29.63 -2.79 8.04
CA SER B 277 -30.06 -3.44 9.29
C SER B 277 -31.35 -2.85 9.85
N LYS B 278 -31.99 -3.59 10.74
CA LYS B 278 -33.24 -3.14 11.35
C LYS B 278 -33.13 -1.72 11.93
N ALA B 279 -32.07 -1.50 12.71
CA ALA B 279 -31.90 -0.19 13.35
C ALA B 279 -31.66 0.90 12.31
N PHE B 280 -30.88 0.58 11.27
CA PHE B 280 -30.69 1.57 10.22
C PHE B 280 -32.07 1.94 9.58
N ARG B 281 -32.86 0.91 9.31
CA ARG B 281 -33.94 1.42 8.43
CA ARG B 281 -33.95 1.37 8.44
C ARG B 281 -34.86 2.09 9.23
N GLN B 282 -34.80 2.00 10.55
CA GLN B 282 -35.81 2.61 11.40
C GLN B 282 -35.37 4.02 11.81
N HIS B 283 -34.06 4.21 11.96
CA HIS B 283 -33.51 5.51 12.37
C HIS B 283 -32.77 6.30 11.28
N GLY B 284 -32.41 5.63 10.20
CA GLY B 284 -31.56 6.19 9.17
C GLY B 284 -32.11 7.24 8.24
N GLY B 285 -33.42 7.48 8.29
CA GLY B 285 -34.02 8.51 7.47
C GLY B 285 -34.27 8.19 6.00
N ILE B 286 -34.18 6.91 5.63
CA ILE B 286 -34.35 6.57 4.22
C ILE B 286 -35.76 6.08 3.94
N ASP B 287 -36.30 6.54 2.83
CA ASP B 287 -37.58 6.11 2.27
C ASP B 287 -37.28 4.90 1.36
N PHE B 288 -37.58 3.71 1.85
CA PHE B 288 -37.17 2.49 1.12
C PHE B 288 -37.97 2.16 -0.12
N GLN B 289 -39.24 2.56 -0.18
CA GLN B 289 -39.99 2.42 -1.42
C GLN B 289 -39.38 3.31 -2.49
N CYS B 290 -39.05 4.54 -2.11
CA CYS B 290 -38.37 5.47 -3.01
C CYS B 290 -37.07 4.83 -3.54
N LEU B 291 -36.34 4.24 -2.62
CA LEU B 291 -35.03 3.70 -3.00
C LEU B 291 -35.21 2.52 -3.93
N LYS B 292 -36.21 1.69 -3.65
CA LYS B 292 -36.41 0.50 -4.49
C LYS B 292 -36.74 0.94 -5.91
N GLN B 293 -37.55 1.99 -6.05
CA GLN B 293 -37.92 2.49 -7.37
C GLN B 293 -36.73 3.10 -8.07
N LYS B 294 -35.96 3.91 -7.35
CA LYS B 294 -34.81 4.53 -7.99
C LYS B 294 -33.77 3.47 -8.44
N ALA B 295 -33.53 2.49 -7.60
CA ALA B 295 -32.58 1.40 -7.93
C ALA B 295 -33.03 0.69 -9.20
N ALA B 296 -34.35 0.48 -9.33
CA ALA B 296 -34.86 -0.24 -10.52
C ALA B 296 -34.84 0.61 -11.78
N GLU B 297 -35.13 1.92 -11.64
CA GLU B 297 -35.31 2.79 -12.80
C GLU B 297 -34.13 3.58 -13.29
N ASN B 298 -33.12 3.76 -12.48
CA ASN B 298 -32.07 4.71 -12.79
C ASN B 298 -30.76 3.99 -13.15
N GLU B 299 -29.91 4.70 -13.83
CA GLU B 299 -28.56 4.19 -14.16
C GLU B 299 -27.58 4.83 -13.25
N TYR B 300 -26.68 4.03 -12.71
CA TYR B 300 -25.67 4.52 -11.78
C TYR B 300 -24.28 4.04 -12.22
N SER B 301 -23.27 4.45 -11.48
CA SER B 301 -21.91 4.12 -11.86
C SER B 301 -21.03 4.24 -10.64
N HIS B 302 -19.75 3.89 -10.78
CA HIS B 302 -18.76 4.16 -9.73
C HIS B 302 -18.74 5.62 -9.32
N ASP B 303 -19.17 6.50 -10.22
CA ASP B 303 -19.18 7.96 -9.90
C ASP B 303 -20.00 8.26 -8.64
N HIS B 304 -21.04 7.45 -8.41
CA HIS B 304 -21.91 7.64 -7.25
C HIS B 304 -21.30 7.13 -5.96
N TYR B 305 -20.17 6.40 -6.04
CA TYR B 305 -19.63 5.74 -4.86
C TYR B 305 -19.18 6.74 -3.80
N PHE B 306 -18.38 7.69 -4.23
CA PHE B 306 -17.76 8.66 -3.33
C PHE B 306 -18.79 9.33 -2.41
N SER B 307 -19.80 9.97 -2.99
CA SER B 307 -20.74 10.74 -2.18
C SER B 307 -21.74 9.84 -1.44
N THR B 308 -22.02 8.66 -2.01
CA THR B 308 -22.91 7.75 -1.33
C THR B 308 -22.27 7.33 0.00
N VAL B 309 -20.97 7.07 -0.02
CA VAL B 309 -20.29 6.64 1.18
C VAL B 309 -20.21 7.77 2.20
N LEU B 310 -19.84 8.97 1.75
CA LEU B 310 -19.87 10.11 2.66
C LEU B 310 -21.25 10.30 3.31
N GLY B 311 -22.30 10.18 2.50
CA GLY B 311 -23.69 10.33 2.99
C GLY B 311 -24.07 9.28 4.02
N LEU B 312 -23.53 8.06 3.86
CA LEU B 312 -23.76 6.96 4.80
C LEU B 312 -23.15 7.18 6.18
N MET B 313 -22.19 8.10 6.28
CA MET B 313 -21.58 8.40 7.58
CA MET B 313 -21.59 8.38 7.57
C MET B 313 -22.05 9.74 8.16
N ASP B 314 -23.02 10.39 7.52
CA ASP B 314 -23.52 11.68 7.98
C ASP B 314 -22.35 12.69 8.06
N ILE B 315 -21.46 12.66 7.08
CA ILE B 315 -20.30 13.54 7.07
C ILE B 315 -20.79 14.91 6.58
N SER B 316 -20.59 15.92 7.43
CA SER B 316 -20.94 17.29 7.10
C SER B 316 -19.74 18.19 6.86
N ASN B 317 -20.02 19.38 6.35
CA ASN B 317 -18.99 20.38 6.07
C ASN B 317 -17.95 19.88 5.05
N SER B 318 -18.41 19.04 4.11
CA SER B 318 -17.60 18.58 3.00
C SER B 318 -17.82 19.45 1.77
N GLN B 319 -16.75 19.81 1.09
CA GLN B 319 -16.84 20.47 -0.19
C GLN B 319 -16.84 19.47 -1.35
N THR B 320 -16.35 18.26 -1.13
CA THR B 320 -16.31 17.27 -2.21
C THR B 320 -17.67 16.55 -2.39
N TYR B 321 -18.46 16.48 -1.31
CA TYR B 321 -19.76 15.82 -1.35
C TYR B 321 -20.68 16.48 -2.37
N ARG B 322 -21.31 15.65 -3.18
CA ARG B 322 -22.34 16.12 -4.11
C ARG B 322 -23.63 15.38 -3.86
N LYS B 323 -24.62 16.11 -3.34
CA LYS B 323 -25.90 15.51 -3.03
C LYS B 323 -26.48 14.75 -4.24
N GLU B 324 -26.30 15.29 -5.44
CA GLU B 324 -26.91 14.67 -6.62
C GLU B 324 -26.22 13.36 -7.01
N MET B 325 -25.02 13.12 -6.46
CA MET B 325 -24.31 11.90 -6.75
C MET B 325 -24.32 10.94 -5.55
N ASP B 326 -25.11 11.24 -4.54
CA ASP B 326 -25.33 10.36 -3.38
C ASP B 326 -26.63 9.60 -3.65
N ILE B 327 -26.49 8.30 -3.90
CA ILE B 327 -27.65 7.49 -4.31
C ILE B 327 -28.83 7.63 -3.34
N LEU B 328 -28.52 7.68 -2.05
CA LEU B 328 -29.54 7.65 -1.03
C LEU B 328 -30.18 9.03 -0.80
N ALA B 329 -29.50 10.11 -1.20
CA ALA B 329 -29.96 11.43 -0.81
C ALA B 329 -31.31 11.76 -1.40
N ALA B 330 -31.60 11.26 -2.59
CA ALA B 330 -32.91 11.52 -3.22
C ALA B 330 -34.06 10.87 -2.44
N CYS B 331 -33.71 9.93 -1.57
CA CYS B 331 -34.67 9.23 -0.75
C CYS B 331 -34.47 9.49 0.73
N ARG B 332 -33.66 10.49 1.06
CA ARG B 332 -33.35 10.74 2.45
C ARG B 332 -34.21 11.88 2.98
N ARG B 333 -34.91 11.62 4.07
CA ARG B 333 -35.92 12.54 4.57
C ARG B 333 -35.25 13.74 5.26
N PRO B 334 -35.95 14.88 5.27
CA PRO B 334 -35.38 16.11 5.82
C PRO B 334 -35.12 16.02 7.31
ZN ZN C . 11.98 9.75 -3.89
ZN ZN D . 9.49 12.99 -5.39
ZN ZN E . -1.90 -7.68 -13.23
P PO4 F . 20.95 32.59 -8.88
O1 PO4 F . 20.37 31.48 -8.06
O2 PO4 F . 21.99 33.32 -8.04
O3 PO4 F . 19.84 33.53 -9.27
O4 PO4 F . 21.64 32.00 -10.09
ZN ZN G . -10.39 -6.07 -11.02
ZN ZN H . -7.33 -8.41 -13.05
ZN ZN I . 4.28 12.69 -7.44
P PO4 J . -16.02 -23.38 -28.05
O1 PO4 J . -17.23 -24.26 -27.78
O2 PO4 J . -15.59 -22.69 -26.80
O3 PO4 J . -16.36 -22.33 -29.09
O4 PO4 J . -14.84 -24.23 -28.52
#